data_4CHG
#
_entry.id   4CHG
#
_cell.length_a   86.160
_cell.length_b   131.200
_cell.length_c   149.350
_cell.angle_alpha   90.00
_cell.angle_beta   90.00
_cell.angle_gamma   90.00
#
_symmetry.space_group_name_H-M   'P 21 21 21'
#
loop_
_entity.id
_entity.type
_entity.pdbx_description
1 polymer 'PROBABLE RIBONUCLEASE VAPC15'
2 polymer 'ANTITOXIN VAPB15'
3 non-polymer 'MANGANESE (II) ION'
4 non-polymer 'MAGNESIUM ION'
5 water water
#
loop_
_entity_poly.entity_id
_entity_poly.type
_entity_poly.pdbx_seq_one_letter_code
_entity_poly.pdbx_strand_id
1 'polypeptide(L)'
;A(MSE)IVDTSVWIAYLSTSESLASRWLADRIAADSTVIVPEVV(MSE)(MSE)ELLIGKTDEDTAALRRRLLQRFAIEP
LAPVRDAEDAAAIHRRCRRGGDTVRSLIDCQVAA(MSE)ALRIGVAVAHRDRDYEAIRTHCGLRTEPLF
;
A,B,C,D,E,F
2 'polypeptide(L)'
;MYSGVVSRTNIEIDDELVAAAQRMYRLDSKRSAVDLALRRLVGEPLGRDEALALQGSGFDFSNDEIESFSDTDRKLADES
LEHHHHHH
;
G,H,I,J
#
loop_
_chem_comp.id
_chem_comp.type
_chem_comp.name
_chem_comp.formula
MG non-polymer 'MAGNESIUM ION' 'Mg 2'
MN non-polymer 'MANGANESE (II) ION' 'Mn 2'
#
# COMPACT_ATOMS: atom_id res chain seq x y z
N ALA A 1 -3.99 -22.85 -27.77
CA ALA A 1 -2.95 -21.99 -27.20
C ALA A 1 -3.13 -21.81 -25.69
N MSE A 2 -2.58 -22.73 -24.90
CA MSE A 2 -2.63 -22.55 -23.46
C MSE A 2 -1.40 -23.01 -22.71
O MSE A 2 -0.56 -23.74 -23.24
CB MSE A 2 -3.89 -23.18 -22.87
CG MSE A 2 -3.89 -24.69 -22.78
SE MSE A 2 -5.72 -25.27 -22.32
CE MSE A 2 -5.87 -24.51 -20.54
N ILE A 3 -1.31 -22.57 -21.47
CA ILE A 3 -0.21 -22.95 -20.61
C ILE A 3 -0.54 -24.26 -19.92
N VAL A 4 0.39 -25.20 -19.96
CA VAL A 4 0.20 -26.45 -19.24
C VAL A 4 1.13 -26.44 -18.03
N ASP A 5 0.53 -26.44 -16.84
CA ASP A 5 1.32 -26.33 -15.62
C ASP A 5 2.15 -27.58 -15.37
N THR A 6 3.22 -27.40 -14.60
CA THR A 6 4.04 -28.50 -14.11
C THR A 6 3.22 -29.68 -13.59
N SER A 7 2.15 -29.38 -12.84
CA SER A 7 1.35 -30.44 -12.23
C SER A 7 0.78 -31.42 -13.26
N VAL A 8 0.40 -30.91 -14.43
CA VAL A 8 -0.14 -31.78 -15.47
C VAL A 8 0.97 -32.61 -16.12
N TRP A 9 2.07 -31.96 -16.46
CA TRP A 9 3.24 -32.66 -16.98
C TRP A 9 3.71 -33.77 -16.04
N ILE A 10 3.71 -33.48 -14.74
CA ILE A 10 4.10 -34.48 -13.76
C ILE A 10 3.11 -35.63 -13.79
N ALA A 11 1.83 -35.32 -13.89
CA ALA A 11 0.83 -36.37 -13.99
C ALA A 11 1.06 -37.20 -15.24
N TYR A 12 1.35 -36.53 -16.34
CA TYR A 12 1.61 -37.19 -17.62
C TYR A 12 2.80 -38.14 -17.51
N LEU A 13 3.86 -37.69 -16.84
CA LEU A 13 5.05 -38.51 -16.70
C LEU A 13 4.92 -39.59 -15.61
N SER A 14 4.02 -39.39 -14.66
CA SER A 14 3.91 -40.30 -13.50
C SER A 14 3.01 -41.52 -13.73
N THR A 15 1.87 -41.32 -14.39
CA THR A 15 0.98 -42.44 -14.68
C THR A 15 0.39 -42.26 -16.07
N SER A 16 -0.33 -43.26 -16.53
CA SER A 16 -1.01 -43.16 -17.82
C SER A 16 -2.52 -43.17 -17.65
N GLU A 17 -2.98 -43.14 -16.40
CA GLU A 17 -4.41 -43.35 -16.13
C GLU A 17 -5.19 -42.14 -15.59
N SER A 18 -4.49 -41.18 -15.01
CA SER A 18 -5.18 -40.01 -14.47
C SER A 18 -5.82 -39.16 -15.58
N LEU A 19 -6.81 -38.35 -15.21
CA LEU A 19 -7.43 -37.40 -16.13
C LEU A 19 -6.40 -36.46 -16.73
N ALA A 20 -5.55 -35.91 -15.86
CA ALA A 20 -4.55 -34.94 -16.31
C ALA A 20 -3.62 -35.55 -17.34
N SER A 21 -3.12 -36.75 -17.05
CA SER A 21 -2.21 -37.45 -17.95
C SER A 21 -2.90 -37.74 -19.28
N ARG A 22 -4.11 -38.30 -19.22
CA ARG A 22 -4.84 -38.62 -20.43
C ARG A 22 -5.14 -37.36 -21.25
N TRP A 23 -5.49 -36.27 -20.56
CA TRP A 23 -5.77 -35.00 -21.22
C TRP A 23 -4.55 -34.53 -22.01
N LEU A 24 -3.39 -34.53 -21.36
CA LEU A 24 -2.19 -34.06 -22.04
C LEU A 24 -1.83 -34.97 -23.21
N ALA A 25 -1.97 -36.28 -23.02
CA ALA A 25 -1.68 -37.24 -24.09
C ALA A 25 -2.54 -36.93 -25.31
N ASP A 26 -3.81 -36.64 -25.07
CA ASP A 26 -4.71 -36.25 -26.15
C ASP A 26 -4.25 -34.96 -26.83
N ARG A 27 -3.84 -33.99 -26.03
CA ARG A 27 -3.40 -32.71 -26.59
C ARG A 27 -2.13 -32.88 -27.44
N ILE A 28 -1.20 -33.68 -26.94
CA ILE A 28 0.00 -34.00 -27.69
C ILE A 28 -0.34 -34.75 -28.99
N ALA A 29 -1.28 -35.68 -28.91
CA ALA A 29 -1.66 -36.46 -30.07
C ALA A 29 -2.30 -35.58 -31.14
N ALA A 30 -3.00 -34.53 -30.72
CA ALA A 30 -3.70 -33.64 -31.65
C ALA A 30 -2.83 -32.51 -32.19
N ASP A 31 -1.56 -32.48 -31.76
CA ASP A 31 -0.62 -31.43 -32.18
C ASP A 31 -1.07 -30.04 -31.75
N SER A 32 -1.80 -29.97 -30.64
CA SER A 32 -2.28 -28.70 -30.14
C SER A 32 -1.14 -27.89 -29.54
N THR A 33 -1.33 -26.58 -29.47
CA THR A 33 -0.28 -25.70 -28.98
C THR A 33 -0.19 -25.79 -27.46
N VAL A 34 1.00 -26.13 -26.97
CA VAL A 34 1.24 -26.14 -25.55
C VAL A 34 2.27 -25.08 -25.25
N ILE A 35 1.92 -24.17 -24.35
CA ILE A 35 2.87 -23.15 -23.95
C ILE A 35 3.59 -23.64 -22.70
N VAL A 36 4.91 -23.63 -22.78
CA VAL A 36 5.76 -24.09 -21.69
C VAL A 36 6.54 -22.91 -21.10
N PRO A 37 6.08 -22.39 -19.95
CA PRO A 37 6.86 -21.34 -19.30
C PRO A 37 8.21 -21.91 -18.88
N GLU A 38 9.26 -21.09 -18.94
CA GLU A 38 10.60 -21.60 -18.63
C GLU A 38 10.67 -22.13 -17.20
N VAL A 39 9.85 -21.58 -16.31
CA VAL A 39 9.85 -22.04 -14.91
C VAL A 39 9.20 -23.42 -14.81
N VAL A 40 8.29 -23.72 -15.74
CA VAL A 40 7.68 -25.05 -15.77
C VAL A 40 8.71 -26.04 -16.30
N MSE A 41 9.40 -25.64 -17.36
CA MSE A 41 10.50 -26.43 -17.88
C MSE A 41 11.50 -26.76 -16.78
O MSE A 41 11.92 -27.90 -16.62
CB MSE A 41 11.22 -25.65 -18.98
CG MSE A 41 12.43 -26.39 -19.55
SE MSE A 41 13.63 -25.14 -20.49
CE MSE A 41 14.34 -24.17 -18.93
N MSE A 42 11.85 -25.74 -16.01
CA MSE A 42 12.83 -25.90 -14.94
C MSE A 42 12.40 -26.97 -13.92
O MSE A 42 13.17 -27.88 -13.61
CB MSE A 42 13.07 -24.56 -14.25
CG MSE A 42 14.02 -24.66 -13.09
SE MSE A 42 14.21 -22.93 -12.22
CE MSE A 42 12.36 -22.66 -11.61
N GLU A 43 11.16 -26.85 -13.43
CA GLU A 43 10.62 -27.83 -12.49
C GLU A 43 10.64 -29.26 -13.06
N LEU A 44 10.29 -29.40 -14.33
CA LEU A 44 10.24 -30.71 -14.97
C LEU A 44 11.62 -31.32 -15.10
N LEU A 45 12.63 -30.48 -15.29
CA LEU A 45 13.97 -30.97 -15.57
C LEU A 45 14.69 -31.55 -14.34
N ILE A 46 14.12 -31.36 -13.15
CA ILE A 46 14.74 -31.89 -11.94
C ILE A 46 14.12 -33.18 -11.45
N GLY A 47 13.08 -33.66 -12.14
CA GLY A 47 12.37 -34.85 -11.72
C GLY A 47 13.16 -36.16 -11.79
N LYS A 48 14.22 -36.19 -12.60
CA LYS A 48 15.09 -37.37 -12.70
C LYS A 48 16.52 -36.87 -12.70
N THR A 49 17.42 -37.49 -11.94
CA THR A 49 18.78 -36.96 -11.88
C THR A 49 19.65 -37.37 -13.06
N ASP A 50 19.27 -38.42 -13.77
CA ASP A 50 20.11 -38.90 -14.85
C ASP A 50 20.13 -37.86 -15.98
N GLU A 51 21.33 -37.46 -16.42
CA GLU A 51 21.46 -36.38 -17.39
C GLU A 51 20.89 -36.77 -18.76
N ASP A 52 20.87 -38.06 -19.06
CA ASP A 52 20.34 -38.49 -20.35
C ASP A 52 18.81 -38.44 -20.32
N THR A 53 18.22 -38.77 -19.18
CA THR A 53 16.76 -38.62 -19.04
C THR A 53 16.41 -37.14 -19.09
N ALA A 54 17.20 -36.32 -18.40
CA ALA A 54 16.98 -34.88 -18.41
C ALA A 54 17.07 -34.32 -19.83
N ALA A 55 18.06 -34.78 -20.59
CA ALA A 55 18.24 -34.32 -21.96
C ALA A 55 17.05 -34.69 -22.83
N LEU A 56 16.54 -35.91 -22.62
CA LEU A 56 15.37 -36.38 -23.34
C LEU A 56 14.13 -35.54 -22.99
N ARG A 57 13.96 -35.20 -21.72
CA ARG A 57 12.83 -34.36 -21.33
C ARG A 57 13.00 -32.94 -21.85
N ARG A 58 14.24 -32.46 -21.91
CA ARG A 58 14.54 -31.18 -22.52
C ARG A 58 14.06 -31.15 -23.98
N ARG A 59 14.26 -32.26 -24.69
CA ARG A 59 13.84 -32.36 -26.10
C ARG A 59 12.32 -32.50 -26.20
N LEU A 60 11.71 -33.10 -25.19
CA LEU A 60 10.27 -33.22 -25.12
C LEU A 60 9.64 -31.82 -25.07
N LEU A 61 10.18 -30.97 -24.21
CA LEU A 61 9.59 -29.65 -24.04
C LEU A 61 9.92 -28.76 -25.22
N GLN A 62 11.06 -29.01 -25.87
CA GLN A 62 11.46 -28.26 -27.05
C GLN A 62 10.48 -28.46 -28.23
N ARG A 63 9.75 -29.57 -28.22
CA ARG A 63 8.72 -29.79 -29.24
C ARG A 63 7.67 -28.67 -29.18
N PHE A 64 7.43 -28.15 -27.98
CA PHE A 64 6.41 -27.13 -27.82
C PHE A 64 7.04 -25.74 -27.78
N ALA A 65 6.22 -24.73 -27.51
CA ALA A 65 6.76 -23.38 -27.39
C ALA A 65 7.24 -23.10 -25.97
N ILE A 66 8.57 -23.08 -25.78
CA ILE A 66 9.16 -22.56 -24.55
C ILE A 66 9.14 -21.03 -24.50
N GLU A 67 8.39 -20.47 -23.56
CA GLU A 67 8.26 -19.02 -23.43
C GLU A 67 9.00 -18.47 -22.23
N PRO A 68 9.89 -17.49 -22.45
CA PRO A 68 10.64 -16.91 -21.32
C PRO A 68 9.75 -15.91 -20.57
N LEU A 69 10.00 -15.74 -19.28
CA LEU A 69 9.28 -14.75 -18.51
C LEU A 69 9.63 -13.35 -18.99
N ALA A 70 8.74 -12.39 -18.77
CA ALA A 70 9.07 -11.01 -19.02
C ALA A 70 9.96 -10.55 -17.87
N PRO A 71 11.19 -10.13 -18.18
CA PRO A 71 12.19 -9.76 -17.15
C PRO A 71 11.64 -8.74 -16.16
N VAL A 72 11.80 -9.02 -14.86
CA VAL A 72 11.33 -8.14 -13.77
C VAL A 72 9.80 -8.09 -13.64
N ARG A 73 9.11 -7.70 -14.72
CA ARG A 73 7.65 -7.51 -14.68
C ARG A 73 6.84 -8.76 -14.26
N ASP A 74 7.16 -9.92 -14.82
CA ASP A 74 6.44 -11.13 -14.43
C ASP A 74 6.68 -11.44 -12.95
N ALA A 75 7.88 -11.14 -12.47
CA ALA A 75 8.24 -11.42 -11.08
C ALA A 75 7.50 -10.47 -10.12
N GLU A 76 7.45 -9.19 -10.47
CA GLU A 76 6.64 -8.23 -9.74
C GLU A 76 5.17 -8.65 -9.71
N ASP A 77 4.63 -9.02 -10.86
CA ASP A 77 3.22 -9.43 -10.94
C ASP A 77 2.96 -10.69 -10.11
N ALA A 78 3.90 -11.63 -10.16
CA ALA A 78 3.80 -12.86 -9.39
C ALA A 78 3.66 -12.54 -7.91
N ALA A 79 4.51 -11.65 -7.42
CA ALA A 79 4.44 -11.26 -6.00
C ALA A 79 3.12 -10.51 -5.71
N ALA A 80 2.69 -9.66 -6.63
CA ALA A 80 1.42 -8.95 -6.47
C ALA A 80 0.24 -9.93 -6.38
N ILE A 81 0.31 -10.98 -7.20
CA ILE A 81 -0.69 -12.03 -7.19
C ILE A 81 -0.69 -12.78 -5.85
N HIS A 82 0.50 -13.08 -5.35
CA HIS A 82 0.60 -13.78 -4.08
C HIS A 82 0.02 -12.95 -2.95
N ARG A 83 0.36 -11.66 -2.91
CA ARG A 83 -0.15 -10.76 -1.87
C ARG A 83 -1.67 -10.64 -1.95
N ARG A 84 -2.21 -10.46 -3.16
CA ARG A 84 -3.65 -10.33 -3.34
C ARG A 84 -4.37 -11.59 -2.85
N CYS A 85 -3.85 -12.75 -3.22
CA CYS A 85 -4.45 -13.99 -2.79
C CYS A 85 -4.42 -14.12 -1.27
N ARG A 86 -3.32 -13.70 -0.66
CA ARG A 86 -3.17 -13.84 0.78
C ARG A 86 -4.10 -12.91 1.54
N ARG A 87 -4.26 -11.69 1.04
CA ARG A 87 -5.26 -10.77 1.59
C ARG A 87 -6.63 -11.41 1.50
N GLY A 88 -6.83 -12.27 0.50
CA GLY A 88 -8.11 -12.92 0.32
C GLY A 88 -8.25 -14.19 1.15
N GLY A 89 -7.22 -14.51 1.92
CA GLY A 89 -7.26 -15.66 2.80
C GLY A 89 -6.66 -16.94 2.22
N ASP A 90 -6.02 -16.83 1.06
CA ASP A 90 -5.40 -17.99 0.43
C ASP A 90 -3.89 -17.78 0.27
N THR A 91 -3.11 -18.63 0.92
CA THR A 91 -1.66 -18.54 0.76
C THR A 91 -1.25 -19.47 -0.36
N VAL A 92 -0.86 -18.92 -1.49
CA VAL A 92 -0.44 -19.75 -2.63
C VAL A 92 0.90 -20.42 -2.28
N ARG A 93 0.98 -21.72 -2.51
CA ARG A 93 2.09 -22.51 -1.96
C ARG A 93 3.40 -22.38 -2.72
N SER A 94 3.35 -21.84 -3.94
CA SER A 94 4.56 -21.72 -4.74
C SER A 94 4.59 -20.40 -5.51
N LEU A 95 5.71 -19.69 -5.42
CA LEU A 95 5.88 -18.49 -6.22
C LEU A 95 5.98 -18.82 -7.72
N ILE A 96 6.41 -20.03 -8.04
CA ILE A 96 6.46 -20.46 -9.43
C ILE A 96 5.05 -20.52 -10.04
N ASP A 97 4.06 -20.99 -9.26
CA ASP A 97 2.67 -20.92 -9.69
C ASP A 97 2.27 -19.48 -10.01
N CYS A 98 2.76 -18.53 -9.21
CA CYS A 98 2.38 -17.13 -9.41
C CYS A 98 3.04 -16.55 -10.66
N GLN A 99 4.25 -17.01 -10.97
CA GLN A 99 4.95 -16.57 -12.18
C GLN A 99 4.21 -17.07 -13.40
N VAL A 100 3.80 -18.34 -13.35
CA VAL A 100 3.02 -18.94 -14.42
C VAL A 100 1.72 -18.16 -14.62
N ALA A 101 1.05 -17.82 -13.53
CA ALA A 101 -0.21 -17.08 -13.58
C ALA A 101 0.03 -15.67 -14.09
N ALA A 102 1.12 -15.05 -13.66
CA ALA A 102 1.47 -13.71 -14.15
C ALA A 102 1.67 -13.73 -15.66
N MSE A 103 2.35 -14.75 -16.15
CA MSE A 103 2.56 -14.88 -17.59
C MSE A 103 1.23 -15.09 -18.31
O MSE A 103 0.98 -14.48 -19.36
CB MSE A 103 3.51 -16.03 -17.92
CG MSE A 103 3.58 -16.31 -19.42
SE MSE A 103 4.71 -17.87 -19.87
CE MSE A 103 6.47 -17.13 -19.45
N ALA A 104 0.39 -15.97 -17.78
CA ALA A 104 -0.92 -16.26 -18.39
C ALA A 104 -1.78 -15.00 -18.50
N LEU A 105 -1.79 -14.20 -17.45
CA LEU A 105 -2.60 -12.98 -17.44
C LEU A 105 -2.02 -11.99 -18.43
N ARG A 106 -0.70 -12.00 -18.57
CA ARG A 106 -0.01 -11.09 -19.47
C ARG A 106 -0.32 -11.38 -20.94
N ILE A 107 -0.22 -12.64 -21.34
CA ILE A 107 -0.42 -13.01 -22.74
C ILE A 107 -1.86 -13.43 -23.04
N GLY A 108 -2.70 -13.51 -22.02
CA GLY A 108 -4.12 -13.80 -22.21
C GLY A 108 -4.45 -15.23 -22.56
N VAL A 109 -3.87 -16.18 -21.83
CA VAL A 109 -4.24 -17.58 -22.04
C VAL A 109 -4.69 -18.20 -20.73
N ALA A 110 -5.29 -19.37 -20.82
CA ALA A 110 -5.69 -20.12 -19.64
C ALA A 110 -4.57 -21.04 -19.17
N VAL A 111 -4.68 -21.51 -17.94
CA VAL A 111 -3.71 -22.45 -17.39
C VAL A 111 -4.38 -23.80 -17.11
N ALA A 112 -3.90 -24.84 -17.78
CA ALA A 112 -4.32 -26.20 -17.47
C ALA A 112 -3.49 -26.73 -16.32
N HIS A 113 -4.14 -27.33 -15.33
CA HIS A 113 -3.44 -27.65 -14.10
C HIS A 113 -4.14 -28.73 -13.29
N ARG A 114 -3.40 -29.28 -12.33
CA ARG A 114 -3.95 -30.11 -11.26
C ARG A 114 -3.37 -29.61 -9.94
N ASP A 115 -3.69 -28.36 -9.60
CA ASP A 115 -3.10 -27.71 -8.44
C ASP A 115 -4.05 -26.63 -7.97
N ARG A 116 -4.59 -26.80 -6.76
CA ARG A 116 -5.60 -25.91 -6.22
C ARG A 116 -5.10 -24.48 -6.05
N ASP A 117 -3.78 -24.30 -6.02
CA ASP A 117 -3.19 -22.95 -6.05
C ASP A 117 -3.77 -22.07 -7.17
N TYR A 118 -3.96 -22.64 -8.36
CA TYR A 118 -4.47 -21.87 -9.50
C TYR A 118 -5.95 -21.54 -9.39
N GLU A 119 -6.71 -22.34 -8.66
CA GLU A 119 -8.11 -22.00 -8.44
C GLU A 119 -8.22 -20.87 -7.40
N ALA A 120 -7.26 -20.82 -6.47
CA ALA A 120 -7.14 -19.68 -5.57
C ALA A 120 -6.86 -18.41 -6.39
N ILE A 121 -5.88 -18.48 -7.29
CA ILE A 121 -5.54 -17.34 -8.14
C ILE A 121 -6.70 -16.96 -9.04
N ARG A 122 -7.43 -17.96 -9.53
CA ARG A 122 -8.63 -17.68 -10.31
C ARG A 122 -9.63 -16.89 -9.48
N THR A 123 -9.84 -17.30 -8.24
CA THR A 123 -10.82 -16.65 -7.37
C THR A 123 -10.52 -15.16 -7.15
N HIS A 124 -9.25 -14.84 -6.93
CA HIS A 124 -8.90 -13.48 -6.53
C HIS A 124 -8.45 -12.59 -7.69
N CYS A 125 -8.00 -13.21 -8.78
CA CYS A 125 -7.43 -12.46 -9.90
C CYS A 125 -8.16 -12.72 -11.23
N GLY A 126 -8.99 -13.77 -11.27
CA GLY A 126 -9.78 -14.06 -12.46
C GLY A 126 -9.19 -15.03 -13.47
N LEU A 127 -7.94 -15.43 -13.25
CA LEU A 127 -7.21 -16.33 -14.13
C LEU A 127 -8.09 -17.44 -14.71
N ARG A 128 -8.05 -17.61 -16.03
CA ARG A 128 -8.79 -18.71 -16.66
C ARG A 128 -8.01 -20.01 -16.47
N THR A 129 -8.72 -21.06 -16.08
CA THR A 129 -8.06 -22.33 -15.78
C THR A 129 -8.82 -23.49 -16.40
N GLU A 130 -8.09 -24.56 -16.67
CA GLU A 130 -8.72 -25.84 -16.93
C GLU A 130 -8.24 -26.82 -15.87
N PRO A 131 -9.01 -26.97 -14.79
CA PRO A 131 -8.65 -27.89 -13.71
C PRO A 131 -8.82 -29.35 -14.16
N LEU A 132 -7.85 -30.17 -13.82
CA LEU A 132 -7.84 -31.56 -14.29
C LEU A 132 -7.62 -32.53 -13.14
N PHE A 133 -8.46 -32.43 -12.12
CA PHE A 133 -8.34 -33.35 -10.98
C PHE A 133 -8.98 -34.70 -11.27
N ALA B 1 31.12 -6.56 -5.29
CA ALA B 1 29.91 -6.93 -6.02
C ALA B 1 29.43 -8.33 -5.65
N MSE B 2 28.40 -8.43 -4.81
CA MSE B 2 27.85 -9.76 -4.52
C MSE B 2 26.33 -9.85 -4.44
O MSE B 2 25.63 -8.86 -4.20
CB MSE B 2 28.50 -10.36 -3.28
CG MSE B 2 28.07 -9.79 -1.94
SE MSE B 2 29.22 -10.51 -0.52
CE MSE B 2 28.78 -12.40 -0.71
N ILE B 3 25.83 -11.06 -4.64
CA ILE B 3 24.41 -11.34 -4.49
C ILE B 3 24.06 -11.53 -3.02
N VAL B 4 22.98 -10.88 -2.58
CA VAL B 4 22.48 -11.09 -1.25
C VAL B 4 21.19 -11.89 -1.35
N ASP B 5 21.22 -13.12 -0.83
CA ASP B 5 20.06 -13.99 -0.91
C ASP B 5 18.90 -13.45 -0.07
N THR B 6 17.70 -13.85 -0.46
CA THR B 6 16.49 -13.60 0.30
C THR B 6 16.63 -13.81 1.81
N SER B 7 17.35 -14.85 2.19
CA SER B 7 17.44 -15.22 3.61
C SER B 7 18.08 -14.13 4.46
N VAL B 8 19.00 -13.38 3.88
CA VAL B 8 19.67 -12.31 4.60
C VAL B 8 18.77 -11.09 4.64
N TRP B 9 18.09 -10.82 3.55
CA TRP B 9 17.16 -9.71 3.51
C TRP B 9 16.04 -9.93 4.54
N ILE B 10 15.57 -11.16 4.65
CA ILE B 10 14.54 -11.50 5.63
C ILE B 10 15.04 -11.26 7.06
N ALA B 11 16.27 -11.65 7.33
CA ALA B 11 16.86 -11.42 8.65
C ALA B 11 16.86 -9.93 8.95
N TYR B 12 17.23 -9.14 7.95
CA TYR B 12 17.28 -7.69 8.07
C TYR B 12 15.91 -7.09 8.35
N LEU B 13 14.90 -7.55 7.62
CA LEU B 13 13.56 -6.98 7.72
C LEU B 13 12.83 -7.49 8.97
N SER B 14 13.16 -8.70 9.40
CA SER B 14 12.54 -9.29 10.59
C SER B 14 12.88 -8.49 11.85
N THR B 15 12.01 -8.56 12.85
CA THR B 15 12.18 -7.81 14.09
C THR B 15 13.29 -8.37 14.98
N SER B 16 13.75 -9.57 14.67
CA SER B 16 14.81 -10.20 15.45
C SER B 16 16.18 -9.62 15.12
N GLU B 17 17.04 -9.49 16.11
CA GLU B 17 18.42 -9.12 15.85
C GLU B 17 19.17 -10.39 15.49
N SER B 18 20.16 -10.26 14.61
CA SER B 18 20.98 -11.38 14.20
C SER B 18 22.20 -10.86 13.46
N LEU B 19 23.20 -11.72 13.31
CA LEU B 19 24.42 -11.37 12.60
C LEU B 19 24.15 -11.03 11.13
N ALA B 20 23.27 -11.80 10.49
CA ALA B 20 22.91 -11.52 9.10
C ALA B 20 22.31 -10.12 8.98
N SER B 21 21.43 -9.79 9.91
CA SER B 21 20.76 -8.49 9.90
C SER B 21 21.77 -7.37 10.11
N ARG B 22 22.64 -7.54 11.10
CA ARG B 22 23.73 -6.58 11.31
C ARG B 22 24.66 -6.49 10.10
N TRP B 23 24.91 -7.62 9.45
CA TRP B 23 25.80 -7.63 8.30
C TRP B 23 25.21 -6.81 7.14
N LEU B 24 23.93 -6.98 6.85
CA LEU B 24 23.31 -6.25 5.75
C LEU B 24 23.18 -4.76 6.07
N ALA B 25 22.86 -4.45 7.33
CA ALA B 25 22.77 -3.05 7.77
C ALA B 25 24.10 -2.34 7.53
N ASP B 26 25.19 -3.00 7.90
CA ASP B 26 26.54 -2.49 7.66
C ASP B 26 26.80 -2.28 6.18
N ARG B 27 26.45 -3.27 5.38
CA ARG B 27 26.69 -3.19 3.94
C ARG B 27 25.88 -2.07 3.30
N ILE B 28 24.63 -1.92 3.73
CA ILE B 28 23.79 -0.82 3.27
C ILE B 28 24.41 0.52 3.68
N ALA B 29 24.90 0.59 4.92
CA ALA B 29 25.48 1.83 5.43
C ALA B 29 26.79 2.20 4.73
N ALA B 30 27.47 1.21 4.16
CA ALA B 30 28.74 1.44 3.48
C ALA B 30 28.56 1.77 2.00
N ASP B 31 27.32 1.75 1.53
CA ASP B 31 27.02 1.91 0.10
C ASP B 31 27.72 0.85 -0.75
N SER B 32 27.89 -0.35 -0.20
CA SER B 32 28.50 -1.43 -0.96
C SER B 32 27.55 -1.93 -2.04
N THR B 33 28.11 -2.58 -3.07
CA THR B 33 27.29 -3.04 -4.18
C THR B 33 26.53 -4.30 -3.81
N VAL B 34 25.21 -4.22 -3.87
CA VAL B 34 24.36 -5.37 -3.61
C VAL B 34 23.68 -5.77 -4.90
N ILE B 35 23.84 -7.03 -5.29
CA ILE B 35 23.12 -7.53 -6.46
C ILE B 35 21.82 -8.22 -6.07
N VAL B 36 20.73 -7.79 -6.70
CA VAL B 36 19.41 -8.26 -6.37
C VAL B 36 18.83 -9.05 -7.55
N PRO B 37 18.93 -10.38 -7.49
CA PRO B 37 18.26 -11.18 -8.55
C PRO B 37 16.75 -10.94 -8.51
N GLU B 38 16.07 -10.95 -9.66
CA GLU B 38 14.65 -10.63 -9.68
C GLU B 38 13.85 -11.62 -8.84
N VAL B 39 14.34 -12.86 -8.75
CA VAL B 39 13.63 -13.88 -7.98
C VAL B 39 13.76 -13.63 -6.47
N VAL B 40 14.86 -12.98 -6.06
CA VAL B 40 15.01 -12.58 -4.67
C VAL B 40 14.05 -11.43 -4.36
N MSE B 41 14.00 -10.48 -5.28
CA MSE B 41 13.06 -9.37 -5.19
C MSE B 41 11.64 -9.90 -5.04
O MSE B 41 10.88 -9.44 -4.19
CB MSE B 41 13.15 -8.47 -6.42
CG MSE B 41 12.08 -7.37 -6.45
SE MSE B 41 11.74 -6.75 -8.30
CE MSE B 41 10.93 -8.42 -8.97
N MSE B 42 11.29 -10.88 -5.87
CA MSE B 42 9.98 -11.50 -5.83
C MSE B 42 9.65 -12.08 -4.45
O MSE B 42 8.59 -11.82 -3.90
CB MSE B 42 9.90 -12.61 -6.87
CG MSE B 42 8.54 -13.26 -6.97
SE MSE B 42 8.57 -14.64 -8.34
CE MSE B 42 10.06 -15.71 -7.63
N GLU B 43 10.59 -12.86 -3.90
CA GLU B 43 10.40 -13.48 -2.59
C GLU B 43 10.23 -12.44 -1.51
N LEU B 44 11.02 -11.39 -1.56
CA LEU B 44 10.93 -10.33 -0.56
C LEU B 44 9.62 -9.54 -0.61
N LEU B 45 9.02 -9.45 -1.78
CA LEU B 45 7.83 -8.63 -1.94
C LEU B 45 6.57 -9.32 -1.48
N ILE B 46 6.67 -10.59 -1.07
CA ILE B 46 5.48 -11.27 -0.58
C ILE B 46 5.45 -11.39 0.93
N GLY B 47 6.49 -10.92 1.61
CA GLY B 47 6.57 -11.00 3.06
C GLY B 47 5.50 -10.24 3.83
N LYS B 48 4.89 -9.24 3.19
CA LYS B 48 3.83 -8.47 3.82
C LYS B 48 2.75 -8.24 2.77
N THR B 49 1.47 -8.43 3.12
CA THR B 49 0.41 -8.26 2.12
C THR B 49 0.10 -6.80 1.84
N ASP B 50 0.49 -5.91 2.75
CA ASP B 50 0.13 -4.50 2.59
C ASP B 50 0.81 -3.91 1.36
N GLU B 51 0.02 -3.38 0.42
CA GLU B 51 0.56 -2.87 -0.84
C GLU B 51 1.47 -1.65 -0.68
N ASP B 52 1.24 -0.83 0.34
CA ASP B 52 2.15 0.30 0.56
C ASP B 52 3.52 -0.15 1.09
N THR B 53 3.52 -1.18 1.91
CA THR B 53 4.76 -1.79 2.37
C THR B 53 5.51 -2.45 1.22
N ALA B 54 4.77 -3.16 0.38
CA ALA B 54 5.37 -3.77 -0.81
C ALA B 54 6.02 -2.69 -1.71
N ALA B 55 5.31 -1.59 -1.94
CA ALA B 55 5.82 -0.50 -2.79
C ALA B 55 7.08 0.10 -2.19
N LEU B 56 7.09 0.24 -0.86
CA LEU B 56 8.23 0.83 -0.20
C LEU B 56 9.43 -0.12 -0.31
N ARG B 57 9.18 -1.42 -0.18
CA ARG B 57 10.24 -2.40 -0.30
C ARG B 57 10.71 -2.57 -1.74
N ARG B 58 9.81 -2.33 -2.69
CA ARG B 58 10.21 -2.29 -4.10
C ARG B 58 11.23 -1.16 -4.33
N ARG B 59 11.03 -0.03 -3.66
CA ARG B 59 11.96 1.10 -3.73
C ARG B 59 13.27 0.83 -2.99
N LEU B 60 13.19 0.07 -1.91
CA LEU B 60 14.38 -0.36 -1.17
C LEU B 60 15.30 -1.15 -2.11
N LEU B 61 14.73 -2.11 -2.81
CA LEU B 61 15.53 -2.99 -3.66
C LEU B 61 15.99 -2.25 -4.91
N GLN B 62 15.19 -1.29 -5.34
CA GLN B 62 15.52 -0.50 -6.52
C GLN B 62 16.77 0.37 -6.30
N ARG B 63 17.08 0.64 -5.03
CA ARG B 63 18.30 1.36 -4.68
C ARG B 63 19.53 0.62 -5.23
N PHE B 64 19.44 -0.70 -5.28
CA PHE B 64 20.57 -1.50 -5.70
C PHE B 64 20.42 -1.97 -7.14
N ALA B 65 21.31 -2.85 -7.56
CA ALA B 65 21.20 -3.42 -8.90
C ALA B 65 20.21 -4.58 -8.96
N ILE B 66 19.00 -4.33 -9.47
CA ILE B 66 18.10 -5.42 -9.85
C ILE B 66 18.58 -6.12 -11.12
N GLU B 67 19.07 -7.35 -10.95
CA GLU B 67 19.72 -8.09 -12.03
C GLU B 67 18.72 -9.04 -12.68
N PRO B 68 18.57 -8.96 -14.00
CA PRO B 68 17.60 -9.85 -14.64
C PRO B 68 18.22 -11.23 -14.90
N LEU B 69 17.41 -12.28 -14.83
CA LEU B 69 17.90 -13.61 -15.16
C LEU B 69 18.11 -13.69 -16.67
N ALA B 70 18.99 -14.59 -17.10
CA ALA B 70 19.17 -14.84 -18.52
C ALA B 70 18.06 -15.79 -18.98
N PRO B 71 17.26 -15.36 -19.97
CA PRO B 71 16.10 -16.14 -20.42
C PRO B 71 16.45 -17.56 -20.84
N VAL B 72 15.68 -18.51 -20.32
CA VAL B 72 15.86 -19.95 -20.57
C VAL B 72 17.13 -20.53 -19.94
N ARG B 73 18.27 -19.90 -20.20
CA ARG B 73 19.58 -20.41 -19.75
C ARG B 73 19.73 -20.53 -18.24
N ASP B 74 19.38 -19.48 -17.49
CA ASP B 74 19.47 -19.56 -16.03
C ASP B 74 18.56 -20.67 -15.47
N ALA B 75 17.37 -20.79 -16.04
CA ALA B 75 16.44 -21.84 -15.64
C ALA B 75 16.99 -23.23 -15.93
N GLU B 76 17.57 -23.42 -17.11
CA GLU B 76 18.17 -24.71 -17.43
C GLU B 76 19.30 -25.02 -16.47
N ASP B 77 20.15 -24.02 -16.22
CA ASP B 77 21.29 -24.21 -15.32
C ASP B 77 20.83 -24.49 -13.89
N ALA B 78 19.76 -23.80 -13.47
CA ALA B 78 19.20 -24.01 -12.13
C ALA B 78 18.82 -25.48 -11.94
N ALA B 79 18.17 -26.04 -12.95
CA ALA B 79 17.78 -27.44 -12.94
C ALA B 79 19.01 -28.37 -12.97
N ALA B 80 20.01 -28.03 -13.77
CA ALA B 80 21.25 -28.81 -13.81
C ALA B 80 21.96 -28.80 -12.46
N ILE B 81 21.91 -27.65 -11.79
CA ILE B 81 22.51 -27.52 -10.47
C ILE B 81 21.76 -28.43 -9.49
N HIS B 82 20.43 -28.37 -9.53
CA HIS B 82 19.61 -29.21 -8.66
C HIS B 82 19.88 -30.70 -8.88
N ARG B 83 19.95 -31.13 -10.13
CA ARG B 83 20.28 -32.53 -10.43
C ARG B 83 21.65 -32.93 -9.92
N ARG B 84 22.64 -32.07 -10.14
CA ARG B 84 24.00 -32.37 -9.73
C ARG B 84 24.08 -32.54 -8.23
N CYS B 85 23.47 -31.62 -7.49
CA CYS B 85 23.45 -31.70 -6.03
C CYS B 85 22.72 -32.97 -5.56
N ARG B 86 21.63 -33.31 -6.23
CA ARG B 86 20.85 -34.46 -5.81
C ARG B 86 21.62 -35.77 -6.04
N ARG B 87 22.36 -35.86 -7.14
CA ARG B 87 23.25 -37.00 -7.37
C ARG B 87 24.31 -37.08 -6.28
N GLY B 88 24.69 -35.93 -5.74
CA GLY B 88 25.68 -35.89 -4.69
C GLY B 88 25.08 -36.05 -3.29
N GLY B 89 23.78 -36.31 -3.21
CA GLY B 89 23.16 -36.64 -1.93
C GLY B 89 22.40 -35.51 -1.26
N ASP B 90 22.42 -34.32 -1.86
CA ASP B 90 21.73 -33.16 -1.29
C ASP B 90 20.55 -32.74 -2.12
N THR B 91 19.35 -32.74 -1.55
CA THR B 91 18.20 -32.19 -2.25
C THR B 91 18.02 -30.72 -1.89
N VAL B 92 18.37 -29.84 -2.81
CA VAL B 92 18.21 -28.40 -2.59
C VAL B 92 16.72 -28.07 -2.45
N ARG B 93 16.38 -27.29 -1.43
CA ARG B 93 14.99 -27.12 -1.02
C ARG B 93 14.19 -26.08 -1.82
N SER B 94 14.87 -25.30 -2.65
CA SER B 94 14.18 -24.31 -3.47
C SER B 94 14.86 -24.13 -4.81
N LEU B 95 14.08 -24.17 -5.88
CA LEU B 95 14.63 -23.98 -7.21
C LEU B 95 15.04 -22.52 -7.37
N ILE B 96 14.46 -21.65 -6.56
CA ILE B 96 14.86 -20.25 -6.58
C ILE B 96 16.32 -20.12 -6.12
N ASP B 97 16.72 -20.88 -5.12
CA ASP B 97 18.13 -20.91 -4.71
C ASP B 97 19.00 -21.31 -5.90
N CYS B 98 18.51 -22.25 -6.69
CA CYS B 98 19.28 -22.77 -7.82
C CYS B 98 19.41 -21.73 -8.92
N GLN B 99 18.36 -20.92 -9.11
CA GLN B 99 18.37 -19.83 -10.08
C GLN B 99 19.32 -18.74 -9.63
N VAL B 100 19.32 -18.46 -8.33
CA VAL B 100 20.25 -17.48 -7.79
C VAL B 100 21.69 -17.97 -8.00
N ALA B 101 21.94 -19.24 -7.74
CA ALA B 101 23.27 -19.81 -7.94
C ALA B 101 23.66 -19.82 -9.42
N ALA B 102 22.69 -20.12 -10.27
CA ALA B 102 22.94 -20.13 -11.71
C ALA B 102 23.40 -18.75 -12.16
N MSE B 103 22.74 -17.72 -11.65
CA MSE B 103 23.14 -16.35 -11.98
C MSE B 103 24.54 -16.03 -11.43
O MSE B 103 25.37 -15.46 -12.14
CB MSE B 103 22.14 -15.35 -11.42
CG MSE B 103 22.63 -13.92 -11.52
SE MSE B 103 21.31 -12.68 -10.77
CE MSE B 103 19.86 -12.84 -12.11
N ALA B 104 24.77 -16.35 -10.16
CA ALA B 104 26.05 -16.10 -9.53
C ALA B 104 27.20 -16.74 -10.31
N LEU B 105 27.03 -17.99 -10.72
CA LEU B 105 28.06 -18.69 -11.46
C LEU B 105 28.24 -18.10 -12.86
N ARG B 106 27.15 -17.62 -13.45
CA ARG B 106 27.22 -17.01 -14.77
C ARG B 106 27.95 -15.67 -14.75
N ILE B 107 27.64 -14.81 -13.78
CA ILE B 107 28.27 -13.48 -13.73
C ILE B 107 29.54 -13.46 -12.85
N GLY B 108 29.77 -14.54 -12.11
CA GLY B 108 30.99 -14.68 -11.33
C GLY B 108 31.06 -13.93 -10.02
N VAL B 109 30.00 -14.01 -9.21
CA VAL B 109 30.01 -13.39 -7.89
C VAL B 109 29.69 -14.39 -6.82
N ALA B 110 29.93 -14.02 -5.56
CA ALA B 110 29.54 -14.85 -4.43
C ALA B 110 28.09 -14.59 -4.01
N VAL B 111 27.56 -15.49 -3.20
CA VAL B 111 26.23 -15.31 -2.63
C VAL B 111 26.33 -15.22 -1.11
N ALA B 112 25.88 -14.10 -0.54
CA ALA B 112 25.73 -13.96 0.90
C ALA B 112 24.37 -14.54 1.26
N HIS B 113 24.32 -15.36 2.31
CA HIS B 113 23.11 -16.10 2.59
C HIS B 113 23.09 -16.59 4.03
N ARG B 114 21.92 -17.01 4.48
CA ARG B 114 21.79 -17.76 5.72
C ARG B 114 20.91 -18.96 5.40
N ASP B 115 21.38 -19.80 4.50
CA ASP B 115 20.58 -20.91 4.02
C ASP B 115 21.54 -22.01 3.59
N ARG B 116 21.52 -23.12 4.32
CA ARG B 116 22.42 -24.25 4.04
C ARG B 116 22.36 -24.76 2.59
N ASP B 117 21.25 -24.49 1.91
CA ASP B 117 21.11 -24.90 0.50
C ASP B 117 22.29 -24.44 -0.36
N TYR B 118 22.78 -23.23 -0.10
CA TYR B 118 23.89 -22.68 -0.88
C TYR B 118 25.21 -23.33 -0.53
N GLU B 119 25.32 -23.87 0.68
CA GLU B 119 26.51 -24.61 1.07
C GLU B 119 26.54 -25.96 0.34
N ALA B 120 25.36 -26.54 0.11
CA ALA B 120 25.27 -27.75 -0.70
C ALA B 120 25.70 -27.44 -2.14
N ILE B 121 25.22 -26.33 -2.66
CA ILE B 121 25.56 -25.96 -4.04
C ILE B 121 27.04 -25.64 -4.12
N ARG B 122 27.57 -25.06 -3.04
CA ARG B 122 29.01 -24.77 -3.00
C ARG B 122 29.80 -26.07 -3.12
N THR B 123 29.38 -27.08 -2.38
CA THR B 123 30.10 -28.35 -2.34
C THR B 123 30.18 -28.99 -3.72
N HIS B 124 29.04 -28.99 -4.41
CA HIS B 124 28.95 -29.76 -5.64
C HIS B 124 29.32 -28.98 -6.89
N CYS B 125 29.13 -27.66 -6.86
CA CYS B 125 29.32 -26.79 -8.04
C CYS B 125 30.40 -25.72 -7.82
N GLY B 126 30.82 -25.51 -6.58
CA GLY B 126 31.90 -24.58 -6.28
C GLY B 126 31.50 -23.14 -5.97
N LEU B 127 30.21 -22.86 -6.05
CA LEU B 127 29.63 -21.55 -5.72
C LEU B 127 30.31 -20.86 -4.53
N ARG B 128 30.79 -19.64 -4.75
CA ARG B 128 31.39 -18.86 -3.66
C ARG B 128 30.30 -18.33 -2.74
N THR B 129 30.48 -18.50 -1.44
CA THR B 129 29.46 -18.05 -0.50
C THR B 129 30.01 -17.24 0.63
N GLU B 130 29.16 -16.40 1.20
CA GLU B 130 29.45 -15.83 2.50
C GLU B 130 28.31 -16.19 3.43
N PRO B 131 28.47 -17.30 4.18
CA PRO B 131 27.45 -17.76 5.12
C PRO B 131 27.34 -16.85 6.34
N LEU B 132 26.12 -16.60 6.79
CA LEU B 132 25.90 -15.61 7.85
C LEU B 132 24.96 -16.15 8.93
N PHE B 133 25.25 -17.35 9.42
CA PHE B 133 24.42 -18.00 10.43
C PHE B 133 24.67 -17.41 11.82
N ALA C 1 1.96 3.41 50.32
CA ALA C 1 0.72 3.44 49.56
C ALA C 1 0.53 4.79 48.87
N MSE C 2 1.43 5.11 47.95
CA MSE C 2 1.29 6.31 47.12
C MSE C 2 1.56 6.03 45.66
O MSE C 2 2.53 5.34 45.30
CB MSE C 2 2.28 7.39 47.56
CG MSE C 2 1.88 8.12 48.80
SE MSE C 2 2.88 9.81 48.86
CE MSE C 2 1.98 10.71 47.40
N ILE C 3 0.72 6.59 44.80
CA ILE C 3 1.00 6.61 43.37
C ILE C 3 2.08 7.65 43.10
N VAL C 4 3.07 7.26 42.30
CA VAL C 4 4.12 8.19 41.92
C VAL C 4 3.96 8.48 40.43
N ASP C 5 3.76 9.75 40.09
CA ASP C 5 3.56 10.12 38.69
C ASP C 5 4.82 9.96 37.85
N THR C 6 4.60 9.82 36.54
CA THR C 6 5.66 9.83 35.54
C THR C 6 6.69 10.92 35.74
N SER C 7 6.22 12.13 36.04
CA SER C 7 7.10 13.28 36.24
C SER C 7 8.12 13.08 37.36
N VAL C 8 7.75 12.36 38.41
CA VAL C 8 8.70 12.11 39.49
C VAL C 8 9.72 11.06 39.06
N TRP C 9 9.25 10.02 38.37
CA TRP C 9 10.15 8.99 37.85
C TRP C 9 11.17 9.58 36.89
N ILE C 10 10.73 10.47 36.02
CA ILE C 10 11.64 11.13 35.08
C ILE C 10 12.76 11.85 35.83
N ALA C 11 12.40 12.59 36.87
CA ALA C 11 13.38 13.29 37.67
C ALA C 11 14.34 12.30 38.31
N TYR C 12 13.79 11.22 38.87
CA TYR C 12 14.59 10.20 39.54
C TYR C 12 15.60 9.56 38.60
N LEU C 13 15.22 9.43 37.33
CA LEU C 13 16.08 8.81 36.33
C LEU C 13 16.99 9.79 35.64
N SER C 14 16.82 11.07 35.96
CA SER C 14 17.59 12.12 35.31
C SER C 14 18.97 12.21 35.91
N THR C 15 19.92 12.75 35.15
CA THR C 15 21.26 13.02 35.66
C THR C 15 21.28 14.25 36.54
N SER C 16 20.18 14.98 36.58
CA SER C 16 20.10 16.21 37.38
C SER C 16 19.53 15.94 38.77
N GLU C 17 20.06 16.64 39.76
CA GLU C 17 19.51 16.55 41.11
C GLU C 17 18.26 17.42 41.22
N SER C 18 17.32 17.00 42.06
CA SER C 18 16.13 17.79 42.31
C SER C 18 15.45 17.27 43.57
N LEU C 19 14.50 18.06 44.07
CA LEU C 19 13.69 17.65 45.21
C LEU C 19 12.95 16.35 44.89
N ALA C 20 12.34 16.29 43.70
CA ALA C 20 11.59 15.12 43.28
C ALA C 20 12.46 13.87 43.23
N SER C 21 13.67 14.01 42.70
CA SER C 21 14.59 12.89 42.60
C SER C 21 14.97 12.35 43.98
N ARG C 22 15.36 13.25 44.87
CA ARG C 22 15.72 12.88 46.23
C ARG C 22 14.55 12.20 46.94
N TRP C 23 13.35 12.72 46.71
CA TRP C 23 12.15 12.23 47.37
C TRP C 23 11.91 10.74 47.05
N LEU C 24 11.90 10.42 45.76
CA LEU C 24 11.70 9.04 45.33
C LEU C 24 12.84 8.11 45.77
N ALA C 25 14.08 8.60 45.66
CA ALA C 25 15.24 7.81 46.11
C ALA C 25 15.05 7.47 47.57
N ASP C 26 14.64 8.47 48.36
CA ASP C 26 14.43 8.28 49.78
C ASP C 26 13.28 7.31 50.06
N ARG C 27 12.21 7.41 49.29
CA ARG C 27 11.05 6.55 49.51
C ARG C 27 11.38 5.10 49.18
N ILE C 28 12.12 4.89 48.10
CA ILE C 28 12.55 3.56 47.71
C ILE C 28 13.48 2.95 48.77
N ALA C 29 14.37 3.77 49.32
CA ALA C 29 15.29 3.32 50.34
C ALA C 29 14.56 3.01 51.64
N ALA C 30 13.42 3.66 51.85
CA ALA C 30 12.64 3.48 53.06
C ALA C 30 11.76 2.23 52.99
N ASP C 31 11.74 1.62 51.80
CA ASP C 31 10.82 0.51 51.49
C ASP C 31 9.35 0.89 51.58
N SER C 32 9.07 2.19 51.55
CA SER C 32 7.68 2.66 51.49
C SER C 32 7.07 2.26 50.16
N THR C 33 5.77 1.96 50.17
CA THR C 33 5.13 1.41 48.98
C THR C 33 4.97 2.43 47.85
N VAL C 34 5.48 2.08 46.68
CA VAL C 34 5.35 2.90 45.50
C VAL C 34 4.44 2.20 44.50
N ILE C 35 3.30 2.82 44.22
CA ILE C 35 2.31 2.27 43.32
C ILE C 35 2.54 2.81 41.90
N VAL C 36 2.61 1.90 40.93
CA VAL C 36 2.90 2.25 39.54
C VAL C 36 1.71 1.92 38.64
N PRO C 37 0.95 2.94 38.24
CA PRO C 37 -0.11 2.67 37.25
C PRO C 37 0.52 2.19 35.96
N GLU C 38 -0.16 1.31 35.23
CA GLU C 38 0.40 0.86 33.96
C GLU C 38 0.60 2.02 32.99
N VAL C 39 -0.22 3.07 33.08
CA VAL C 39 -0.08 4.19 32.15
C VAL C 39 1.17 5.01 32.45
N VAL C 40 1.61 4.99 33.70
CA VAL C 40 2.87 5.62 34.10
C VAL C 40 4.03 4.77 33.60
N MSE C 41 3.90 3.46 33.70
CA MSE C 41 4.93 2.56 33.18
C MSE C 41 5.05 2.79 31.68
O MSE C 41 6.17 2.87 31.14
CB MSE C 41 4.57 1.11 33.46
CG MSE C 41 5.53 0.13 32.83
SE MSE C 41 4.63 -1.56 32.47
CE MSE C 41 3.48 -0.97 31.00
N MSE C 42 3.90 2.91 31.02
CA MSE C 42 3.86 3.11 29.59
C MSE C 42 4.60 4.37 29.15
O MSE C 42 5.40 4.33 28.23
CB MSE C 42 2.40 3.15 29.11
CG MSE C 42 2.24 3.31 27.61
SE MSE C 42 0.33 3.47 27.11
CE MSE C 42 -0.13 5.04 28.20
N GLU C 43 4.33 5.48 29.84
CA GLU C 43 5.00 6.73 29.52
C GLU C 43 6.52 6.62 29.74
N LEU C 44 6.91 5.89 30.76
CA LEU C 44 8.33 5.71 31.03
C LEU C 44 9.00 4.86 29.96
N LEU C 45 8.25 3.94 29.35
CA LEU C 45 8.84 3.04 28.37
C LEU C 45 9.02 3.67 27.00
N ILE C 46 8.51 4.90 26.82
CA ILE C 46 8.69 5.60 25.55
C ILE C 46 9.73 6.72 25.61
N GLY C 47 10.26 6.98 26.80
CA GLY C 47 11.23 8.05 26.99
C GLY C 47 12.48 7.91 26.14
N LYS C 48 12.97 6.67 26.02
CA LYS C 48 14.13 6.39 25.18
C LYS C 48 13.72 5.41 24.10
N THR C 49 14.32 5.54 22.92
CA THR C 49 13.91 4.72 21.79
C THR C 49 14.58 3.36 21.77
N ASP C 50 15.73 3.24 22.41
CA ASP C 50 16.48 1.98 22.35
C ASP C 50 15.83 0.91 23.23
N GLU C 51 15.73 -0.30 22.68
CA GLU C 51 15.09 -1.40 23.37
C GLU C 51 15.82 -1.77 24.65
N ASP C 52 17.14 -1.60 24.66
CA ASP C 52 17.95 -1.87 25.84
C ASP C 52 17.55 -0.98 27.02
N THR C 53 17.43 0.32 26.80
CA THR C 53 16.96 1.22 27.85
C THR C 53 15.56 0.85 28.35
N ALA C 54 14.65 0.57 27.41
CA ALA C 54 13.29 0.19 27.77
C ALA C 54 13.27 -1.05 28.66
N ALA C 55 14.05 -2.06 28.28
CA ALA C 55 14.15 -3.30 29.05
C ALA C 55 14.67 -3.04 30.45
N LEU C 56 15.68 -2.18 30.55
CA LEU C 56 16.26 -1.82 31.84
C LEU C 56 15.28 -1.01 32.73
N ARG C 57 14.59 -0.03 32.14
CA ARG C 57 13.57 0.68 32.89
C ARG C 57 12.47 -0.27 33.37
N ARG C 58 12.10 -1.21 32.50
CA ARG C 58 11.08 -2.18 32.84
C ARG C 58 11.56 -3.01 34.03
N ARG C 59 12.83 -3.40 34.00
CA ARG C 59 13.43 -4.17 35.07
C ARG C 59 13.38 -3.37 36.36
N LEU C 60 13.67 -2.09 36.24
CA LEU C 60 13.68 -1.19 37.37
C LEU C 60 12.29 -1.07 38.00
N LEU C 61 11.25 -0.96 37.16
CA LEU C 61 9.88 -0.82 37.65
C LEU C 61 9.32 -2.12 38.23
N GLN C 62 9.85 -3.25 37.77
CA GLN C 62 9.33 -4.58 38.11
C GLN C 62 9.26 -4.84 39.61
N ARG C 63 10.21 -4.28 40.35
CA ARG C 63 10.26 -4.42 41.79
C ARG C 63 8.96 -3.99 42.48
N PHE C 64 8.34 -2.95 41.95
CA PHE C 64 7.09 -2.45 42.48
C PHE C 64 5.92 -3.13 41.82
N ALA C 65 4.73 -2.96 42.36
CA ALA C 65 3.58 -3.55 41.71
C ALA C 65 3.10 -2.65 40.58
N ILE C 66 2.69 -3.26 39.48
CA ILE C 66 1.89 -2.56 38.50
C ILE C 66 0.44 -2.59 38.96
N GLU C 67 -0.10 -1.43 39.30
CA GLU C 67 -1.50 -1.35 39.68
C GLU C 67 -2.33 -1.38 38.40
N PRO C 68 -3.32 -2.29 38.33
CA PRO C 68 -4.09 -2.45 37.10
C PRO C 68 -5.18 -1.39 36.93
N LEU C 69 -5.38 -0.94 35.69
CA LEU C 69 -6.51 -0.07 35.39
C LEU C 69 -7.81 -0.84 35.61
N ALA C 70 -8.81 -0.18 36.16
CA ALA C 70 -10.15 -0.77 36.17
C ALA C 70 -10.74 -0.60 34.76
N PRO C 71 -10.98 -1.70 34.05
CA PRO C 71 -11.44 -1.67 32.65
C PRO C 71 -12.72 -0.86 32.48
N VAL C 72 -12.73 0.01 31.48
CA VAL C 72 -13.83 0.93 31.17
C VAL C 72 -14.07 2.02 32.23
N ARG C 73 -14.24 1.61 33.49
CA ARG C 73 -14.56 2.57 34.57
C ARG C 73 -13.52 3.67 34.79
N ASP C 74 -12.23 3.33 34.88
CA ASP C 74 -11.20 4.36 35.07
C ASP C 74 -11.21 5.34 33.90
N ALA C 75 -11.36 4.83 32.68
CA ALA C 75 -11.45 5.67 31.49
C ALA C 75 -12.68 6.61 31.52
N GLU C 76 -13.84 6.08 31.88
CA GLU C 76 -15.01 6.92 32.08
C GLU C 76 -14.76 7.99 33.13
N ASP C 77 -14.16 7.58 34.25
CA ASP C 77 -13.89 8.53 35.32
C ASP C 77 -12.88 9.59 34.87
N ALA C 78 -11.89 9.18 34.08
CA ALA C 78 -10.86 10.11 33.62
C ALA C 78 -11.49 11.22 32.76
N ALA C 79 -12.39 10.82 31.87
CA ALA C 79 -13.10 11.78 31.03
C ALA C 79 -13.99 12.69 31.90
N ALA C 80 -14.63 12.10 32.90
CA ALA C 80 -15.49 12.86 33.83
C ALA C 80 -14.69 13.91 34.59
N ILE C 81 -13.49 13.55 35.02
CA ILE C 81 -12.58 14.46 35.70
C ILE C 81 -12.19 15.61 34.76
N HIS C 82 -11.92 15.25 33.52
CA HIS C 82 -11.48 16.23 32.54
C HIS C 82 -12.62 17.24 32.25
N ARG C 83 -13.84 16.74 32.07
CA ARG C 83 -14.99 17.62 31.85
C ARG C 83 -15.23 18.52 33.06
N ARG C 84 -15.16 17.93 34.26
CA ARG C 84 -15.36 18.69 35.48
C ARG C 84 -14.36 19.84 35.60
N CYS C 85 -13.07 19.52 35.42
CA CYS C 85 -12.04 20.54 35.49
C CYS C 85 -12.25 21.63 34.44
N ARG C 86 -12.62 21.22 33.24
CA ARG C 86 -12.86 22.17 32.15
C ARG C 86 -14.07 23.09 32.42
N ARG C 87 -15.13 22.55 33.01
CA ARG C 87 -16.26 23.40 33.43
C ARG C 87 -15.77 24.39 34.48
N GLY C 88 -14.74 24.00 35.23
CA GLY C 88 -14.20 24.83 36.29
C GLY C 88 -13.14 25.80 35.80
N GLY C 89 -12.90 25.81 34.50
CA GLY C 89 -11.97 26.76 33.90
C GLY C 89 -10.56 26.21 33.69
N ASP C 90 -10.33 24.96 34.07
CA ASP C 90 -9.01 24.36 33.94
C ASP C 90 -9.01 23.23 32.92
N THR C 91 -8.38 23.48 31.78
CA THR C 91 -8.21 22.40 30.81
C THR C 91 -6.99 21.57 31.18
N VAL C 92 -7.21 20.37 31.68
CA VAL C 92 -6.09 19.51 32.06
C VAL C 92 -5.35 19.05 30.81
N ARG C 93 -4.02 19.16 30.85
CA ARG C 93 -3.21 18.98 29.65
C ARG C 93 -3.01 17.53 29.28
N SER C 94 -3.25 16.62 30.22
CA SER C 94 -2.99 15.20 29.97
C SER C 94 -4.11 14.28 30.43
N LEU C 95 -4.66 13.52 29.48
CA LEU C 95 -5.63 12.49 29.82
C LEU C 95 -5.01 11.34 30.63
N ILE C 96 -3.72 11.11 30.42
CA ILE C 96 -3.01 10.11 31.18
C ILE C 96 -3.05 10.49 32.65
N ASP C 97 -2.80 11.76 32.94
CA ASP C 97 -2.95 12.28 34.32
C ASP C 97 -4.35 12.04 34.87
N CYS C 98 -5.38 12.22 34.04
CA CYS C 98 -6.76 12.02 34.49
C CYS C 98 -7.01 10.54 34.83
N GLN C 99 -6.45 9.63 34.04
CA GLN C 99 -6.50 8.19 34.34
C GLN C 99 -5.78 7.85 35.66
N VAL C 100 -4.61 8.46 35.86
CA VAL C 100 -3.87 8.27 37.11
C VAL C 100 -4.71 8.76 38.29
N ALA C 101 -5.32 9.92 38.11
CA ALA C 101 -6.19 10.52 39.12
C ALA C 101 -7.41 9.64 39.40
N ALA C 102 -8.04 9.15 38.33
CA ALA C 102 -9.21 8.28 38.48
C ALA C 102 -8.83 7.08 39.34
N MSE C 103 -7.67 6.52 39.04
CA MSE C 103 -7.19 5.36 39.78
C MSE C 103 -6.96 5.70 41.24
O MSE C 103 -7.40 4.98 42.13
CB MSE C 103 -5.91 4.81 39.15
CG MSE C 103 -5.25 3.76 40.03
SE MSE C 103 -3.58 3.05 39.29
CE MSE C 103 -4.32 2.19 37.68
N ALA C 104 -6.26 6.80 41.49
CA ALA C 104 -5.97 7.25 42.86
C ALA C 104 -7.24 7.44 43.67
N LEU C 105 -8.25 8.05 43.05
CA LEU C 105 -9.50 8.32 43.75
C LEU C 105 -10.28 7.03 43.98
N ARG C 106 -10.15 6.08 43.06
CA ARG C 106 -10.80 4.78 43.22
C ARG C 106 -10.17 3.97 44.37
N ILE C 107 -8.85 3.91 44.41
CA ILE C 107 -8.19 3.09 45.43
C ILE C 107 -7.84 3.91 46.68
N GLY C 108 -8.10 5.22 46.64
CA GLY C 108 -7.95 6.08 47.81
C GLY C 108 -6.52 6.37 48.25
N VAL C 109 -5.65 6.72 47.32
CA VAL C 109 -4.29 7.08 47.69
C VAL C 109 -3.96 8.46 47.12
N ALA C 110 -2.84 9.02 47.56
CA ALA C 110 -2.38 10.32 47.04
C ALA C 110 -1.45 10.11 45.86
N VAL C 111 -1.28 11.17 45.06
CA VAL C 111 -0.37 11.15 43.92
C VAL C 111 0.81 12.09 44.18
N ALA C 112 2.01 11.54 44.22
CA ALA C 112 3.22 12.36 44.27
C ALA C 112 3.57 12.71 42.85
N HIS C 113 3.86 13.98 42.59
CA HIS C 113 3.99 14.44 41.23
C HIS C 113 4.78 15.72 41.11
N ARG C 114 5.09 16.10 39.88
CA ARG C 114 5.68 17.39 39.58
C ARG C 114 5.02 17.91 38.31
N ASP C 115 3.69 17.94 38.32
CA ASP C 115 2.91 18.23 37.13
C ASP C 115 1.67 18.97 37.58
N ARG C 116 1.55 20.23 37.16
CA ARG C 116 0.46 21.11 37.59
C ARG C 116 -0.94 20.56 37.33
N ASP C 117 -1.08 19.68 36.35
CA ASP C 117 -2.37 19.03 36.10
C ASP C 117 -2.98 18.41 37.35
N TYR C 118 -2.13 17.85 38.22
CA TYR C 118 -2.64 17.19 39.41
C TYR C 118 -3.16 18.19 40.45
N GLU C 119 -2.64 19.40 40.42
CA GLU C 119 -3.14 20.43 41.32
C GLU C 119 -4.48 20.96 40.82
N ALA C 120 -4.67 20.98 39.51
CA ALA C 120 -5.97 21.35 38.94
C ALA C 120 -7.02 20.30 39.32
N ILE C 121 -6.66 19.03 39.21
CA ILE C 121 -7.56 17.96 39.59
C ILE C 121 -7.87 18.00 41.10
N ARG C 122 -6.87 18.31 41.91
CA ARG C 122 -7.10 18.45 43.34
C ARG C 122 -8.12 19.55 43.62
N THR C 123 -7.99 20.65 42.90
CA THR C 123 -8.87 21.80 43.11
C THR C 123 -10.33 21.44 42.87
N HIS C 124 -10.61 20.72 41.79
CA HIS C 124 -11.99 20.44 41.39
C HIS C 124 -12.54 19.10 41.89
N CYS C 125 -11.64 18.15 42.18
CA CYS C 125 -12.05 16.80 42.60
C CYS C 125 -11.56 16.38 43.99
N GLY C 126 -10.58 17.10 44.55
CA GLY C 126 -10.12 16.82 45.89
C GLY C 126 -8.88 15.94 45.99
N LEU C 127 -8.45 15.40 44.85
CA LEU C 127 -7.28 14.52 44.78
C LEU C 127 -6.18 14.88 45.77
N ARG C 128 -5.79 13.92 46.60
CA ARG C 128 -4.68 14.15 47.52
C ARG C 128 -3.38 14.09 46.72
N THR C 129 -2.52 15.08 46.92
CA THR C 129 -1.28 15.15 46.17
C THR C 129 -0.10 15.44 47.08
N GLU C 130 1.08 15.08 46.60
CA GLU C 130 2.32 15.57 47.18
C GLU C 130 3.10 16.20 46.04
N PRO C 131 2.96 17.52 45.89
CA PRO C 131 3.65 18.21 44.79
C PRO C 131 5.14 18.30 45.12
N LEU C 132 6.00 18.07 44.15
CA LEU C 132 7.43 18.01 44.38
C LEU C 132 8.15 18.90 43.38
N PHE C 133 7.64 20.12 43.20
CA PHE C 133 8.25 21.09 42.31
C PHE C 133 9.56 21.62 42.90
N ALA D 1 -15.93 -6.29 11.22
CA ALA D 1 -15.41 -6.11 12.58
C ALA D 1 -14.11 -5.31 12.57
N MSE D 2 -14.19 -4.03 12.88
CA MSE D 2 -12.98 -3.24 12.94
C MSE D 2 -13.06 -2.08 13.93
O MSE D 2 -14.15 -1.65 14.33
CB MSE D 2 -12.55 -2.77 11.55
CG MSE D 2 -13.22 -1.52 11.05
SE MSE D 2 -12.70 -1.17 9.16
CE MSE D 2 -13.76 -2.52 8.22
N ILE D 3 -11.89 -1.59 14.33
CA ILE D 3 -11.80 -0.48 15.26
C ILE D 3 -11.96 0.83 14.53
N VAL D 4 -12.81 1.69 15.07
CA VAL D 4 -12.98 3.02 14.52
C VAL D 4 -12.32 4.04 15.42
N ASP D 5 -11.27 4.67 14.91
CA ASP D 5 -10.50 5.61 15.70
C ASP D 5 -11.28 6.88 16.02
N THR D 6 -10.87 7.54 17.09
CA THR D 6 -11.38 8.84 17.52
C THR D 6 -11.51 9.85 16.38
N SER D 7 -10.51 9.87 15.51
CA SER D 7 -10.49 10.82 14.40
C SER D 7 -11.72 10.71 13.50
N VAL D 8 -12.19 9.49 13.28
CA VAL D 8 -13.36 9.28 12.44
C VAL D 8 -14.66 9.69 13.18
N TRP D 9 -14.73 9.37 14.48
CA TRP D 9 -15.88 9.79 15.30
C TRP D 9 -15.95 11.31 15.39
N ILE D 10 -14.79 11.95 15.43
CA ILE D 10 -14.74 13.42 15.44
C ILE D 10 -15.24 13.98 14.10
N ALA D 11 -14.84 13.36 12.99
CA ALA D 11 -15.37 13.75 11.68
C ALA D 11 -16.88 13.60 11.65
N TYR D 12 -17.37 12.49 12.20
CA TYR D 12 -18.80 12.20 12.22
C TYR D 12 -19.59 13.22 13.05
N LEU D 13 -19.04 13.58 14.21
CA LEU D 13 -19.70 14.48 15.16
C LEU D 13 -19.59 15.95 14.75
N SER D 14 -18.57 16.27 13.97
CA SER D 14 -18.37 17.65 13.56
C SER D 14 -19.39 18.02 12.49
N THR D 15 -19.72 19.30 12.41
CA THR D 15 -20.71 19.76 11.44
C THR D 15 -20.24 19.67 9.99
N SER D 16 -18.96 19.42 9.78
CA SER D 16 -18.44 19.35 8.42
C SER D 16 -18.79 18.02 7.77
N GLU D 17 -19.02 18.05 6.45
CA GLU D 17 -19.16 16.82 5.68
C GLU D 17 -17.78 16.34 5.26
N SER D 18 -17.59 15.03 5.21
CA SER D 18 -16.32 14.45 4.82
C SER D 18 -16.54 12.99 4.51
N LEU D 19 -15.59 12.39 3.79
CA LEU D 19 -15.64 10.96 3.52
C LEU D 19 -15.67 10.17 4.81
N ALA D 20 -14.93 10.62 5.81
CA ALA D 20 -14.84 9.88 7.06
C ALA D 20 -16.21 9.84 7.74
N SER D 21 -16.86 11.00 7.81
CA SER D 21 -18.17 11.10 8.41
C SER D 21 -19.20 10.23 7.68
N ARG D 22 -19.17 10.31 6.34
CA ARG D 22 -20.11 9.55 5.55
C ARG D 22 -19.87 8.06 5.68
N TRP D 23 -18.60 7.69 5.81
CA TRP D 23 -18.26 6.28 5.97
C TRP D 23 -18.85 5.74 7.29
N LEU D 24 -18.75 6.50 8.36
CA LEU D 24 -19.27 6.03 9.65
C LEU D 24 -20.80 5.97 9.66
N ALA D 25 -21.43 6.97 9.06
CA ALA D 25 -22.89 6.98 8.90
C ALA D 25 -23.37 5.74 8.14
N ASP D 26 -22.69 5.37 7.06
CA ASP D 26 -23.04 4.15 6.32
C ASP D 26 -22.88 2.91 7.20
N ARG D 27 -21.80 2.87 7.96
CA ARG D 27 -21.51 1.73 8.81
C ARG D 27 -22.58 1.61 9.92
N ILE D 28 -22.93 2.74 10.53
CA ILE D 28 -24.00 2.80 11.50
C ILE D 28 -25.37 2.41 10.92
N ALA D 29 -25.69 2.91 9.73
CA ALA D 29 -26.97 2.57 9.10
C ALA D 29 -27.03 1.10 8.73
N ALA D 30 -25.87 0.51 8.42
CA ALA D 30 -25.79 -0.90 8.04
C ALA D 30 -25.74 -1.85 9.23
N ASP D 31 -25.74 -1.33 10.44
CA ASP D 31 -25.52 -2.12 11.65
C ASP D 31 -24.25 -2.98 11.58
N SER D 32 -23.18 -2.42 11.03
CA SER D 32 -21.92 -3.14 10.99
C SER D 32 -21.28 -3.14 12.38
N THR D 33 -20.35 -4.05 12.59
CA THR D 33 -19.70 -4.17 13.88
C THR D 33 -18.69 -3.03 14.02
N VAL D 34 -18.83 -2.22 15.05
CA VAL D 34 -17.85 -1.18 15.29
C VAL D 34 -17.19 -1.48 16.61
N ILE D 35 -15.86 -1.56 16.61
CA ILE D 35 -15.13 -1.79 17.84
C ILE D 35 -14.70 -0.46 18.43
N VAL D 36 -15.03 -0.25 19.71
CA VAL D 36 -14.70 0.99 20.40
C VAL D 36 -13.72 0.73 21.55
N PRO D 37 -12.42 0.99 21.34
CA PRO D 37 -11.47 0.87 22.45
C PRO D 37 -11.86 1.86 23.55
N GLU D 38 -11.68 1.47 24.80
CA GLU D 38 -12.07 2.33 25.92
C GLU D 38 -11.33 3.66 25.85
N VAL D 39 -10.11 3.67 25.31
CA VAL D 39 -9.35 4.91 25.20
C VAL D 39 -9.93 5.84 24.14
N VAL D 40 -10.60 5.26 23.14
CA VAL D 40 -11.29 6.06 22.12
C VAL D 40 -12.55 6.65 22.75
N MSE D 41 -13.27 5.84 23.49
CA MSE D 41 -14.42 6.31 24.25
C MSE D 41 -14.01 7.48 25.15
O MSE D 41 -14.69 8.49 25.20
CB MSE D 41 -15.02 5.18 25.09
CG MSE D 41 -16.17 5.60 26.02
SE MSE D 41 -16.41 4.33 27.52
CE MSE D 41 -14.72 4.66 28.49
N MSE D 42 -12.88 7.34 25.84
CA MSE D 42 -12.40 8.37 26.74
C MSE D 42 -12.15 9.71 26.02
O MSE D 42 -12.59 10.77 26.48
CB MSE D 42 -11.12 7.92 27.44
CG MSE D 42 -10.60 8.90 28.48
SE MSE D 42 -8.92 8.26 29.26
CE MSE D 42 -7.86 8.13 27.60
N GLU D 43 -11.42 9.66 24.91
CA GLU D 43 -11.15 10.88 24.13
C GLU D 43 -12.47 11.52 23.66
N LEU D 44 -13.40 10.70 23.19
CA LEU D 44 -14.68 11.24 22.70
C LEU D 44 -15.50 11.91 23.80
N LEU D 45 -15.47 11.33 25.00
CA LEU D 45 -16.31 11.84 26.08
C LEU D 45 -15.82 13.15 26.70
N ILE D 46 -14.66 13.64 26.28
CA ILE D 46 -14.22 14.93 26.81
C ILE D 46 -14.51 16.08 25.85
N GLY D 47 -15.12 15.77 24.71
CA GLY D 47 -15.31 16.74 23.65
C GLY D 47 -16.40 17.79 23.87
N LYS D 48 -17.24 17.56 24.87
CA LYS D 48 -18.26 18.53 25.30
C LYS D 48 -18.34 18.42 26.81
N THR D 49 -18.39 19.56 27.52
CA THR D 49 -18.35 19.53 28.98
C THR D 49 -19.70 19.27 29.61
N ASP D 50 -20.78 19.44 28.85
CA ASP D 50 -22.10 19.22 29.40
C ASP D 50 -22.34 17.73 29.70
N GLU D 51 -22.69 17.41 30.95
CA GLU D 51 -22.85 16.02 31.37
C GLU D 51 -23.99 15.29 30.65
N ASP D 52 -25.03 16.01 30.26
CA ASP D 52 -26.10 15.38 29.50
C ASP D 52 -25.67 15.04 28.08
N THR D 53 -24.88 15.93 27.46
CA THR D 53 -24.29 15.63 26.16
C THR D 53 -23.34 14.44 26.32
N ALA D 54 -22.50 14.47 27.36
CA ALA D 54 -21.59 13.36 27.63
C ALA D 54 -22.34 12.04 27.80
N ALA D 55 -23.42 12.06 28.56
CA ALA D 55 -24.21 10.86 28.80
C ALA D 55 -24.84 10.34 27.52
N LEU D 56 -25.27 11.26 26.66
CA LEU D 56 -25.88 10.85 25.41
C LEU D 56 -24.85 10.13 24.53
N ARG D 57 -23.65 10.70 24.45
CA ARG D 57 -22.58 10.08 23.68
C ARG D 57 -22.08 8.77 24.30
N ARG D 58 -22.20 8.63 25.61
CA ARG D 58 -21.86 7.37 26.27
C ARG D 58 -22.83 6.30 25.76
N ARG D 59 -24.10 6.68 25.60
CA ARG D 59 -25.10 5.74 25.10
C ARG D 59 -24.88 5.43 23.62
N LEU D 60 -24.38 6.41 22.88
CA LEU D 60 -24.02 6.23 21.48
C LEU D 60 -22.97 5.14 21.32
N LEU D 61 -21.93 5.21 22.14
CA LEU D 61 -20.83 4.25 22.04
C LEU D 61 -21.28 2.90 22.61
N GLN D 62 -22.18 2.93 23.59
CA GLN D 62 -22.70 1.70 24.17
C GLN D 62 -23.48 0.87 23.14
N ARG D 63 -23.95 1.50 22.07
CA ARG D 63 -24.60 0.75 20.99
C ARG D 63 -23.64 -0.29 20.40
N PHE D 64 -22.35 0.05 20.39
CA PHE D 64 -21.34 -0.81 19.81
C PHE D 64 -20.54 -1.62 20.83
N ALA D 65 -19.47 -2.24 20.35
CA ALA D 65 -18.62 -3.05 21.20
C ALA D 65 -17.55 -2.20 21.87
N ILE D 66 -17.78 -1.83 23.14
CA ILE D 66 -16.73 -1.20 23.97
C ILE D 66 -15.73 -2.23 24.45
N GLU D 67 -14.52 -2.10 23.95
CA GLU D 67 -13.48 -3.12 24.11
C GLU D 67 -12.44 -2.65 25.11
N PRO D 68 -12.29 -3.39 26.23
CA PRO D 68 -11.27 -2.98 27.21
C PRO D 68 -9.87 -3.36 26.75
N LEU D 69 -8.87 -2.57 27.18
CA LEU D 69 -7.47 -2.90 26.94
C LEU D 69 -7.10 -4.14 27.72
N ALA D 70 -6.15 -4.91 27.21
CA ALA D 70 -5.59 -6.03 27.96
C ALA D 70 -4.60 -5.45 28.97
N PRO D 71 -4.85 -5.69 30.27
CA PRO D 71 -4.06 -5.09 31.35
C PRO D 71 -2.57 -5.32 31.16
N VAL D 72 -1.79 -4.25 31.24
CA VAL D 72 -0.33 -4.31 31.10
C VAL D 72 0.16 -4.61 29.68
N ARG D 73 -0.38 -5.66 29.06
CA ARG D 73 0.09 -6.09 27.74
C ARG D 73 -0.06 -5.00 26.66
N ASP D 74 -1.26 -4.44 26.54
CA ASP D 74 -1.51 -3.41 25.54
C ASP D 74 -0.62 -2.19 25.77
N ALA D 75 -0.48 -1.77 27.02
CA ALA D 75 0.37 -0.65 27.39
C ALA D 75 1.83 -0.89 27.01
N GLU D 76 2.34 -2.08 27.32
CA GLU D 76 3.71 -2.41 26.93
C GLU D 76 3.86 -2.44 25.41
N ASP D 77 2.90 -3.04 24.73
CA ASP D 77 2.95 -3.10 23.28
C ASP D 77 2.85 -1.71 22.68
N ALA D 78 2.00 -0.87 23.28
CA ALA D 78 1.83 0.50 22.81
C ALA D 78 3.17 1.24 22.88
N ALA D 79 3.87 1.08 23.99
CA ALA D 79 5.18 1.68 24.14
C ALA D 79 6.14 1.17 23.08
N ALA D 80 6.09 -0.13 22.84
CA ALA D 80 6.98 -0.75 21.85
C ALA D 80 6.70 -0.20 20.46
N ILE D 81 5.42 -0.04 20.15
CA ILE D 81 5.03 0.57 18.87
C ILE D 81 5.62 1.97 18.76
N HIS D 82 5.46 2.75 19.83
CA HIS D 82 5.92 4.14 19.84
C HIS D 82 7.44 4.22 19.61
N ARG D 83 8.18 3.36 20.29
CA ARG D 83 9.63 3.35 20.15
C ARG D 83 10.04 3.00 18.73
N ARG D 84 9.41 1.97 18.17
CA ARG D 84 9.80 1.48 16.85
C ARG D 84 9.54 2.53 15.78
N CYS D 85 8.37 3.17 15.84
CA CYS D 85 8.04 4.24 14.90
C CYS D 85 9.03 5.38 15.00
N ARG D 86 9.37 5.74 16.23
CA ARG D 86 10.29 6.83 16.48
C ARG D 86 11.72 6.51 15.98
N ARG D 87 12.17 5.27 16.16
CA ARG D 87 13.46 4.86 15.58
C ARG D 87 13.40 4.92 14.06
N GLY D 88 12.22 4.66 13.51
CA GLY D 88 12.04 4.68 12.06
C GLY D 88 11.95 6.07 11.46
N GLY D 89 12.01 7.10 12.30
CA GLY D 89 11.93 8.48 11.82
C GLY D 89 10.51 9.03 11.74
N ASP D 90 9.54 8.29 12.28
CA ASP D 90 8.14 8.75 12.27
C ASP D 90 7.56 8.76 13.67
N THR D 91 7.75 9.87 14.39
CA THR D 91 7.26 9.97 15.76
C THR D 91 5.74 10.08 15.82
N VAL D 92 5.12 9.09 16.45
CA VAL D 92 3.69 9.09 16.67
C VAL D 92 3.34 10.02 17.83
N ARG D 93 2.44 10.95 17.53
CA ARG D 93 2.14 12.10 18.37
C ARG D 93 1.36 11.76 19.65
N SER D 94 0.72 10.61 19.68
CA SER D 94 -0.19 10.29 20.77
C SER D 94 0.01 8.85 21.26
N LEU D 95 0.12 8.70 22.57
CA LEU D 95 0.25 7.36 23.15
C LEU D 95 -1.05 6.56 22.99
N ILE D 96 -2.17 7.28 22.94
CA ILE D 96 -3.47 6.63 22.78
C ILE D 96 -3.56 5.94 21.42
N ASP D 97 -3.03 6.59 20.37
CA ASP D 97 -2.92 5.98 19.04
C ASP D 97 -2.20 4.64 19.13
N CYS D 98 -1.09 4.63 19.87
CA CYS D 98 -0.32 3.40 20.03
C CYS D 98 -1.10 2.32 20.77
N GLN D 99 -1.91 2.72 21.75
CA GLN D 99 -2.72 1.76 22.49
C GLN D 99 -3.80 1.16 21.60
N VAL D 100 -4.44 2.00 20.79
CA VAL D 100 -5.38 1.55 19.79
C VAL D 100 -4.71 0.55 18.84
N ALA D 101 -3.52 0.89 18.36
CA ALA D 101 -2.80 0.01 17.43
C ALA D 101 -2.44 -1.30 18.12
N ALA D 102 -1.99 -1.22 19.36
CA ALA D 102 -1.64 -2.43 20.10
C ALA D 102 -2.83 -3.36 20.22
N MSE D 103 -4.01 -2.80 20.53
CA MSE D 103 -5.21 -3.61 20.64
C MSE D 103 -5.58 -4.25 19.29
O MSE D 103 -5.85 -5.45 19.21
CB MSE D 103 -6.37 -2.79 21.17
CG MSE D 103 -7.69 -3.51 21.06
SE MSE D 103 -9.18 -2.36 21.59
CE MSE D 103 -8.84 -2.28 23.52
N ALA D 104 -5.57 -3.43 18.23
CA ALA D 104 -5.88 -3.89 16.88
C ALA D 104 -5.00 -5.06 16.47
N LEU D 105 -3.71 -4.94 16.73
CA LEU D 105 -2.76 -6.02 16.47
C LEU D 105 -3.04 -7.25 17.32
N ARG D 106 -3.43 -7.03 18.57
CA ARG D 106 -3.72 -8.16 19.47
C ARG D 106 -4.98 -8.94 19.03
N ILE D 107 -6.05 -8.24 18.69
CA ILE D 107 -7.28 -8.93 18.30
C ILE D 107 -7.41 -9.16 16.80
N GLY D 108 -6.43 -8.68 16.04
CA GLY D 108 -6.37 -8.94 14.61
C GLY D 108 -7.41 -8.23 13.75
N VAL D 109 -7.55 -6.92 13.93
CA VAL D 109 -8.50 -6.15 13.14
C VAL D 109 -7.84 -4.88 12.60
N ALA D 110 -8.48 -4.28 11.61
CA ALA D 110 -7.98 -3.03 11.06
C ALA D 110 -8.44 -1.86 11.90
N VAL D 111 -7.72 -0.74 11.76
CA VAL D 111 -8.12 0.52 12.35
C VAL D 111 -8.57 1.49 11.26
N ALA D 112 -9.85 1.86 11.29
CA ALA D 112 -10.33 2.89 10.38
C ALA D 112 -10.01 4.24 11.03
N HIS D 113 -9.40 5.14 10.28
CA HIS D 113 -8.91 6.37 10.86
C HIS D 113 -8.86 7.51 9.86
N ARG D 114 -8.71 8.73 10.37
CA ARG D 114 -8.30 9.86 9.56
C ARG D 114 -7.15 10.56 10.29
N ASP D 115 -6.02 9.86 10.38
CA ASP D 115 -4.89 10.31 11.18
C ASP D 115 -3.63 9.64 10.66
N ARG D 116 -2.73 10.43 10.09
CA ARG D 116 -1.48 9.94 9.51
C ARG D 116 -0.68 9.09 10.47
N ASP D 117 -0.83 9.35 11.77
CA ASP D 117 -0.12 8.57 12.78
C ASP D 117 -0.29 7.07 12.56
N TYR D 118 -1.49 6.64 12.14
CA TYR D 118 -1.74 5.22 11.97
C TYR D 118 -1.03 4.65 10.77
N GLU D 119 -0.76 5.51 9.78
CA GLU D 119 -0.02 5.07 8.60
C GLU D 119 1.47 4.89 8.94
N ALA D 120 1.97 5.71 9.85
CA ALA D 120 3.30 5.51 10.37
C ALA D 120 3.36 4.16 11.11
N ILE D 121 2.35 3.89 11.92
CA ILE D 121 2.30 2.62 12.64
C ILE D 121 2.17 1.46 11.66
N ARG D 122 1.38 1.64 10.60
CA ARG D 122 1.30 0.64 9.53
C ARG D 122 2.69 0.33 8.96
N THR D 123 3.42 1.38 8.62
CA THR D 123 4.72 1.27 7.97
C THR D 123 5.72 0.49 8.81
N HIS D 124 5.77 0.78 10.11
CA HIS D 124 6.81 0.20 10.97
C HIS D 124 6.37 -1.03 11.76
N CYS D 125 5.07 -1.13 12.06
CA CYS D 125 4.60 -2.16 12.98
C CYS D 125 3.58 -3.14 12.39
N GLY D 126 3.25 -2.98 11.12
CA GLY D 126 2.38 -3.94 10.46
C GLY D 126 0.89 -3.82 10.74
N LEU D 127 0.49 -2.74 11.39
CA LEU D 127 -0.92 -2.46 11.63
C LEU D 127 -1.74 -2.47 10.33
N ARG D 128 -2.89 -3.13 10.32
CA ARG D 128 -3.84 -3.04 9.21
C ARG D 128 -4.65 -1.77 9.37
N THR D 129 -4.73 -0.97 8.30
CA THR D 129 -5.44 0.29 8.40
C THR D 129 -6.48 0.47 7.31
N GLU D 130 -7.45 1.32 7.59
CA GLU D 130 -8.48 1.69 6.64
C GLU D 130 -8.55 3.21 6.68
N PRO D 131 -7.64 3.88 5.95
CA PRO D 131 -7.59 5.34 5.97
C PRO D 131 -8.82 5.94 5.31
N LEU D 132 -9.28 7.07 5.85
CA LEU D 132 -10.49 7.69 5.35
C LEU D 132 -10.29 9.17 5.05
N PHE D 133 -9.14 9.51 4.47
CA PHE D 133 -8.93 10.87 3.97
C PHE D 133 -9.67 11.03 2.63
N ALA E 1 18.77 16.48 -17.92
CA ALA E 1 17.45 15.96 -18.28
C ALA E 1 16.49 16.09 -17.10
N MSE E 2 15.66 17.13 -17.14
CA MSE E 2 14.64 17.33 -16.11
C MSE E 2 13.32 17.64 -16.74
O MSE E 2 13.26 18.28 -17.79
CB MSE E 2 14.99 18.54 -15.23
CG MSE E 2 16.10 18.33 -14.25
SE MSE E 2 15.93 19.71 -12.90
CE MSE E 2 14.18 19.20 -12.23
N ILE E 3 12.24 17.23 -16.09
CA ILE E 3 10.91 17.65 -16.49
C ILE E 3 10.60 19.00 -15.82
N VAL E 4 10.06 19.93 -16.60
CA VAL E 4 9.65 21.22 -16.08
C VAL E 4 8.13 21.27 -16.06
N ASP E 5 7.54 21.47 -14.88
CA ASP E 5 6.08 21.49 -14.75
C ASP E 5 5.45 22.74 -15.36
N THR E 6 4.14 22.66 -15.61
CA THR E 6 3.35 23.78 -16.07
C THR E 6 3.56 25.05 -15.23
N SER E 7 3.54 24.88 -13.91
CA SER E 7 3.67 26.01 -13.00
C SER E 7 4.92 26.84 -13.28
N VAL E 8 6.03 26.18 -13.57
CA VAL E 8 7.26 26.91 -13.88
C VAL E 8 7.20 27.57 -15.25
N TRP E 9 6.69 26.85 -16.24
CA TRP E 9 6.52 27.41 -17.57
C TRP E 9 5.65 28.66 -17.53
N ILE E 10 4.58 28.61 -16.73
CA ILE E 10 3.71 29.76 -16.57
C ILE E 10 4.45 30.97 -15.99
N ALA E 11 5.27 30.75 -14.96
CA ALA E 11 6.09 31.81 -14.38
C ALA E 11 7.03 32.42 -15.43
N TYR E 12 7.65 31.56 -16.22
CA TYR E 12 8.55 31.99 -17.28
C TYR E 12 7.84 32.84 -18.33
N LEU E 13 6.69 32.38 -18.81
CA LEU E 13 5.97 33.08 -19.86
C LEU E 13 5.32 34.36 -19.31
N SER E 14 5.20 34.44 -17.99
CA SER E 14 4.63 35.61 -17.34
C SER E 14 5.56 36.81 -17.45
N THR E 15 4.98 37.99 -17.54
CA THR E 15 5.77 39.22 -17.68
C THR E 15 6.60 39.48 -16.43
N SER E 16 6.12 38.99 -15.28
CA SER E 16 6.82 39.22 -14.02
C SER E 16 8.05 38.32 -13.88
N GLU E 17 9.04 38.82 -13.15
CA GLU E 17 10.20 38.00 -12.80
C GLU E 17 9.89 37.24 -11.53
N SER E 18 10.53 36.08 -11.38
CA SER E 18 10.41 35.28 -10.17
C SER E 18 11.56 34.29 -10.20
N LEU E 19 11.77 33.62 -9.07
CA LEU E 19 12.79 32.59 -8.99
C LEU E 19 12.57 31.54 -10.10
N ALA E 20 11.35 31.03 -10.17
CA ALA E 20 10.99 30.02 -11.17
C ALA E 20 11.25 30.51 -12.60
N SER E 21 10.89 31.76 -12.87
CA SER E 21 11.09 32.33 -14.20
C SER E 21 12.56 32.46 -14.51
N ARG E 22 13.32 32.98 -13.56
CA ARG E 22 14.76 33.12 -13.74
C ARG E 22 15.46 31.77 -13.84
N TRP E 23 14.94 30.77 -13.12
CA TRP E 23 15.54 29.43 -13.17
C TRP E 23 15.43 28.80 -14.56
N LEU E 24 14.22 28.83 -15.13
CA LEU E 24 14.03 28.22 -16.45
C LEU E 24 14.75 29.03 -17.52
N ALA E 25 14.73 30.35 -17.36
CA ALA E 25 15.49 31.24 -18.26
C ALA E 25 16.95 30.83 -18.26
N ASP E 26 17.50 30.64 -17.06
CA ASP E 26 18.90 30.20 -16.92
C ASP E 26 19.14 28.80 -17.43
N ARG E 27 18.16 27.90 -17.26
CA ARG E 27 18.33 26.55 -17.75
C ARG E 27 18.30 26.54 -19.28
N ILE E 28 17.40 27.33 -19.86
CA ILE E 28 17.30 27.41 -21.31
C ILE E 28 18.58 28.01 -21.92
N ALA E 29 19.13 29.03 -21.26
CA ALA E 29 20.37 29.65 -21.72
C ALA E 29 21.53 28.67 -21.66
N ALA E 30 21.55 27.83 -20.63
CA ALA E 30 22.64 26.87 -20.43
C ALA E 30 22.54 25.67 -21.37
N ASP E 31 21.47 25.64 -22.17
CA ASP E 31 21.20 24.53 -23.08
C ASP E 31 21.07 23.18 -22.37
N SER E 32 20.60 23.21 -21.13
CA SER E 32 20.30 21.98 -20.39
C SER E 32 18.96 21.43 -20.88
N THR E 33 18.88 20.10 -20.98
CA THR E 33 17.69 19.46 -21.52
C THR E 33 16.44 19.74 -20.68
N VAL E 34 15.42 20.32 -21.31
CA VAL E 34 14.12 20.49 -20.68
C VAL E 34 13.16 19.48 -21.30
N ILE E 35 12.62 18.60 -20.47
CA ILE E 35 11.66 17.61 -20.94
C ILE E 35 10.24 18.16 -20.77
N VAL E 36 9.47 18.14 -21.85
CA VAL E 36 8.12 18.68 -21.85
C VAL E 36 7.10 17.57 -22.03
N PRO E 37 6.51 17.09 -20.92
CA PRO E 37 5.42 16.10 -20.99
C PRO E 37 4.29 16.66 -21.84
N GLU E 38 3.64 15.83 -22.64
CA GLU E 38 2.58 16.34 -23.51
C GLU E 38 1.43 16.95 -22.71
N VAL E 39 1.18 16.43 -21.51
CA VAL E 39 0.11 17.01 -20.69
C VAL E 39 0.48 18.39 -20.17
N VAL E 40 1.78 18.65 -20.04
CA VAL E 40 2.24 19.99 -19.68
C VAL E 40 2.03 20.96 -20.86
N MSE E 41 2.42 20.52 -22.04
CA MSE E 41 2.20 21.29 -23.25
C MSE E 41 0.71 21.63 -23.40
O MSE E 41 0.35 22.78 -23.61
CB MSE E 41 2.64 20.48 -24.46
CG MSE E 41 2.38 21.18 -25.79
SE MSE E 41 2.26 19.88 -27.22
CE MSE E 41 0.51 19.12 -26.79
N MSE E 42 -0.13 20.60 -23.23
CA MSE E 42 -1.57 20.78 -23.28
C MSE E 42 -2.05 21.90 -22.36
O MSE E 42 -2.78 22.79 -22.79
CB MSE E 42 -2.27 19.47 -22.94
CG MSE E 42 -3.79 19.53 -22.97
SE MSE E 42 -4.59 17.77 -22.51
CE MSE E 42 -3.78 17.51 -20.71
N GLU E 43 -1.62 21.87 -21.09
CA GLU E 43 -2.00 22.90 -20.13
C GLU E 43 -1.53 24.30 -20.55
N LEU E 44 -0.32 24.40 -21.07
CA LEU E 44 0.18 25.67 -21.57
C LEU E 44 -0.62 26.20 -22.77
N LEU E 45 -1.13 25.28 -23.58
CA LEU E 45 -1.80 25.68 -24.82
C LEU E 45 -3.24 26.15 -24.60
N ILE E 46 -3.73 26.06 -23.36
CA ILE E 46 -5.07 26.58 -23.09
C ILE E 46 -5.01 27.89 -22.31
N GLY E 47 -3.80 28.30 -21.93
CA GLY E 47 -3.62 29.51 -21.16
C GLY E 47 -4.14 30.77 -21.84
N LYS E 48 -4.02 30.81 -23.16
CA LYS E 48 -4.50 31.95 -23.93
C LYS E 48 -5.46 31.43 -24.97
N THR E 49 -6.60 32.08 -25.12
CA THR E 49 -7.64 31.57 -26.02
C THR E 49 -7.35 31.90 -27.48
N ASP E 50 -6.53 32.92 -27.71
CA ASP E 50 -6.20 33.35 -29.07
C ASP E 50 -5.43 32.22 -29.77
N GLU E 51 -5.88 31.84 -30.97
CA GLU E 51 -5.28 30.73 -31.71
C GLU E 51 -3.84 31.00 -32.13
N ASP E 52 -3.55 32.25 -32.49
CA ASP E 52 -2.20 32.61 -32.91
C ASP E 52 -1.25 32.55 -31.72
N THR E 53 -1.70 33.03 -30.57
CA THR E 53 -0.89 32.97 -29.37
C THR E 53 -0.58 31.50 -29.04
N ALA E 54 -1.60 30.65 -29.17
CA ALA E 54 -1.43 29.25 -28.88
C ALA E 54 -0.43 28.61 -29.85
N ALA E 55 -0.52 28.98 -31.13
CA ALA E 55 0.39 28.45 -32.13
C ALA E 55 1.82 28.89 -31.84
N LEU E 56 1.96 30.12 -31.36
CA LEU E 56 3.27 30.65 -30.95
C LEU E 56 3.85 29.89 -29.74
N ARG E 57 3.02 29.67 -28.72
CA ARG E 57 3.42 28.86 -27.57
C ARG E 57 3.86 27.45 -27.98
N ARG E 58 3.12 26.88 -28.93
CA ARG E 58 3.46 25.58 -29.49
C ARG E 58 4.86 25.59 -30.13
N ARG E 59 5.15 26.57 -30.97
CA ARG E 59 6.46 26.65 -31.63
C ARG E 59 7.59 26.78 -30.62
N LEU E 60 7.39 27.62 -29.61
CA LEU E 60 8.37 27.78 -28.55
C LEU E 60 8.65 26.45 -27.86
N LEU E 61 7.59 25.73 -27.53
CA LEU E 61 7.75 24.44 -26.83
C LEU E 61 8.41 23.38 -27.73
N GLN E 62 8.20 23.50 -29.04
CA GLN E 62 8.76 22.52 -29.97
C GLN E 62 10.29 22.59 -30.02
N ARG E 63 10.86 23.66 -29.48
CA ARG E 63 12.30 23.74 -29.37
C ARG E 63 12.81 22.62 -28.46
N PHE E 64 12.00 22.22 -27.50
CA PHE E 64 12.46 21.24 -26.51
C PHE E 64 11.97 19.84 -26.77
N ALA E 65 12.23 18.96 -25.81
CA ALA E 65 11.89 17.56 -25.96
C ALA E 65 10.46 17.33 -25.50
N ILE E 66 9.52 17.27 -26.45
CA ILE E 66 8.13 16.99 -26.12
C ILE E 66 7.92 15.49 -25.97
N GLU E 67 7.75 15.05 -24.73
CA GLU E 67 7.69 13.62 -24.41
C GLU E 67 6.25 13.15 -24.26
N PRO E 68 5.90 12.08 -24.99
CA PRO E 68 4.53 11.56 -24.90
C PRO E 68 4.38 10.54 -23.78
N LEU E 69 3.17 10.42 -23.23
CA LEU E 69 2.88 9.43 -22.22
C LEU E 69 3.05 8.02 -22.76
N ALA E 70 3.45 7.11 -21.90
CA ALA E 70 3.41 5.73 -22.24
C ALA E 70 1.94 5.28 -22.19
N PRO E 71 1.45 4.70 -23.37
CA PRO E 71 -0.01 4.49 -23.37
C PRO E 71 -0.56 3.53 -22.32
N VAL E 72 -1.65 3.94 -21.70
CA VAL E 72 -2.29 3.21 -20.63
C VAL E 72 -1.50 3.20 -19.33
N ARG E 73 -0.25 2.79 -19.41
CA ARG E 73 0.57 2.60 -18.25
C ARG E 73 0.83 3.85 -17.41
N ASP E 74 1.11 4.97 -18.01
CA ASP E 74 1.26 6.20 -17.23
C ASP E 74 -0.06 6.58 -16.55
N ALA E 75 -1.16 6.38 -17.26
CA ALA E 75 -2.47 6.68 -16.69
C ALA E 75 -2.78 5.80 -15.48
N GLU E 76 -2.48 4.49 -15.60
CA GLU E 76 -2.64 3.55 -14.49
C GLU E 76 -1.76 3.94 -13.30
N ASP E 77 -0.52 4.27 -13.60
CA ASP E 77 0.43 4.70 -12.57
C ASP E 77 -0.01 6.01 -11.93
N ALA E 78 -0.56 6.92 -12.73
CA ALA E 78 -1.05 8.20 -12.21
C ALA E 78 -2.11 7.94 -11.16
N ALA E 79 -3.01 7.01 -11.46
CA ALA E 79 -4.11 6.77 -10.55
C ALA E 79 -3.57 6.07 -9.31
N ALA E 80 -2.61 5.14 -9.51
CA ALA E 80 -1.96 4.47 -8.37
C ALA E 80 -1.28 5.49 -7.46
N ILE E 81 -0.61 6.47 -8.05
CA ILE E 81 0.06 7.51 -7.25
C ILE E 81 -0.97 8.26 -6.43
N HIS E 82 -2.10 8.56 -7.08
CA HIS E 82 -3.15 9.30 -6.41
C HIS E 82 -3.75 8.53 -5.24
N ARG E 83 -4.04 7.24 -5.44
CA ARG E 83 -4.56 6.41 -4.34
C ARG E 83 -3.55 6.33 -3.19
N ARG E 84 -2.28 6.11 -3.52
CA ARG E 84 -1.22 5.97 -2.53
C ARG E 84 -1.12 7.22 -1.65
N CYS E 85 -1.08 8.39 -2.30
CA CYS E 85 -1.04 9.65 -1.57
C CYS E 85 -2.26 9.84 -0.67
N ARG E 86 -3.43 9.47 -1.20
CA ARG E 86 -4.69 9.64 -0.45
C ARG E 86 -4.74 8.72 0.79
N ARG E 87 -4.26 7.49 0.66
CA ARG E 87 -4.14 6.61 1.83
C ARG E 87 -3.19 7.20 2.86
N GLY E 88 -2.20 7.97 2.42
CA GLY E 88 -1.23 8.55 3.32
C GLY E 88 -1.64 9.91 3.87
N GLY E 89 -2.81 10.41 3.48
CA GLY E 89 -3.34 11.63 4.06
C GLY E 89 -3.34 12.85 3.13
N ASP E 90 -2.83 12.69 1.92
CA ASP E 90 -2.77 13.82 0.99
C ASP E 90 -3.61 13.54 -0.26
N THR E 91 -4.67 14.33 -0.42
CA THR E 91 -5.43 14.30 -1.66
C THR E 91 -4.78 15.24 -2.68
N VAL E 92 -4.06 14.66 -3.64
CA VAL E 92 -3.39 15.42 -4.68
C VAL E 92 -4.43 16.15 -5.53
N ARG E 93 -4.20 17.43 -5.79
CA ARG E 93 -5.22 18.29 -6.41
C ARG E 93 -5.30 18.13 -7.91
N SER E 94 -4.28 17.54 -8.51
CA SER E 94 -4.22 17.46 -9.97
C SER E 94 -3.79 16.08 -10.46
N LEU E 95 -4.65 15.44 -11.25
CA LEU E 95 -4.30 14.19 -11.88
C LEU E 95 -3.27 14.40 -13.01
N ILE E 96 -3.21 15.61 -13.55
CA ILE E 96 -2.19 15.94 -14.54
C ILE E 96 -0.80 15.87 -13.87
N ASP E 97 -0.68 16.43 -12.67
CA ASP E 97 0.55 16.29 -11.90
C ASP E 97 0.87 14.81 -11.63
N CYS E 98 -0.15 13.99 -11.37
CA CYS E 98 0.09 12.57 -11.16
C CYS E 98 0.67 11.91 -12.41
N GLN E 99 0.18 12.33 -13.57
CA GLN E 99 0.69 11.80 -14.84
C GLN E 99 2.14 12.23 -15.11
N VAL E 100 2.43 13.49 -14.81
CA VAL E 100 3.80 13.99 -14.92
C VAL E 100 4.72 13.18 -14.00
N ALA E 101 4.27 12.95 -12.77
CA ALA E 101 5.05 12.19 -11.80
C ALA E 101 5.24 10.75 -12.27
N ALA E 102 4.20 10.17 -12.85
CA ALA E 102 4.28 8.80 -13.37
C ALA E 102 5.35 8.72 -14.45
N MSE E 103 5.38 9.71 -15.33
CA MSE E 103 6.37 9.75 -16.39
C MSE E 103 7.77 9.92 -15.77
O MSE E 103 8.71 9.21 -16.13
CB MSE E 103 6.09 10.91 -17.34
CG MSE E 103 7.20 11.11 -18.34
SE MSE E 103 6.84 12.61 -19.53
CE MSE E 103 5.54 11.79 -20.74
N ALA E 104 7.89 10.86 -14.85
CA ALA E 104 9.18 11.16 -14.23
C ALA E 104 9.76 9.92 -13.56
N LEU E 105 8.91 9.21 -12.83
CA LEU E 105 9.31 7.99 -12.13
C LEU E 105 9.67 6.88 -13.10
N ARG E 106 9.00 6.85 -14.24
CA ARG E 106 9.25 5.82 -15.23
C ARG E 106 10.56 6.05 -15.98
N ILE E 107 10.89 7.31 -16.24
CA ILE E 107 12.11 7.60 -17.01
C ILE E 107 13.29 8.02 -16.13
N GLY E 108 13.04 8.19 -14.83
CA GLY E 108 14.10 8.44 -13.88
C GLY E 108 14.67 9.84 -13.88
N VAL E 109 13.79 10.84 -13.96
CA VAL E 109 14.23 12.23 -13.90
C VAL E 109 13.47 12.96 -12.82
N ALA E 110 13.98 14.11 -12.42
CA ALA E 110 13.34 14.96 -11.43
C ALA E 110 12.34 15.92 -12.09
N VAL E 111 11.47 16.49 -11.27
CA VAL E 111 10.49 17.45 -11.73
C VAL E 111 10.74 18.82 -11.10
N ALA E 112 10.97 19.82 -11.95
CA ALA E 112 11.08 21.19 -11.48
C ALA E 112 9.69 21.80 -11.49
N HIS E 113 9.29 22.40 -10.37
CA HIS E 113 7.92 22.84 -10.23
C HIS E 113 7.76 23.97 -9.22
N ARG E 114 6.55 24.51 -9.22
CA ARG E 114 6.13 25.48 -8.22
C ARG E 114 4.71 25.08 -7.83
N ASP E 115 4.53 23.82 -7.45
CA ASP E 115 3.21 23.25 -7.18
C ASP E 115 3.34 22.22 -6.07
N ARG E 116 2.69 22.47 -4.95
CA ARG E 116 2.84 21.62 -3.77
C ARG E 116 2.40 20.15 -3.97
N ASP E 117 1.57 19.89 -4.99
CA ASP E 117 1.20 18.50 -5.32
C ASP E 117 2.43 17.60 -5.51
N TYR E 118 3.47 18.13 -6.13
CA TYR E 118 4.66 17.34 -6.38
C TYR E 118 5.41 17.03 -5.09
N GLU E 119 5.25 17.89 -4.08
CA GLU E 119 5.89 17.63 -2.80
C GLU E 119 5.11 16.57 -2.03
N ALA E 120 3.79 16.55 -2.17
CA ALA E 120 3.00 15.46 -1.64
C ALA E 120 3.40 14.14 -2.31
N ILE E 121 3.57 14.18 -3.62
CA ILE E 121 3.94 12.97 -4.36
C ILE E 121 5.35 12.52 -3.97
N ARG E 122 6.24 13.49 -3.76
CA ARG E 122 7.57 13.17 -3.25
C ARG E 122 7.50 12.43 -1.90
N THR E 123 6.66 12.93 -1.01
CA THR E 123 6.53 12.36 0.32
C THR E 123 6.13 10.88 0.28
N HIS E 124 5.17 10.54 -0.58
CA HIS E 124 4.64 9.18 -0.57
C HIS E 124 5.28 8.24 -1.61
N CYS E 125 5.86 8.80 -2.66
CA CYS E 125 6.43 8.02 -3.76
C CYS E 125 7.93 8.23 -3.99
N GLY E 126 8.52 9.24 -3.35
CA GLY E 126 9.94 9.51 -3.50
C GLY E 126 10.37 10.40 -4.67
N LEU E 127 9.43 10.80 -5.52
CA LEU E 127 9.68 11.69 -6.66
C LEU E 127 10.74 12.75 -6.39
N ARG E 128 11.78 12.78 -7.22
CA ARG E 128 12.79 13.82 -7.11
C ARG E 128 12.20 15.13 -7.64
N THR E 129 12.34 16.19 -6.86
CA THR E 129 11.77 17.47 -7.25
C THR E 129 12.81 18.57 -7.10
N GLU E 130 12.60 19.65 -7.83
CA GLU E 130 13.29 20.90 -7.57
C GLU E 130 12.24 21.97 -7.41
N PRO E 131 11.84 22.24 -6.16
CA PRO E 131 10.78 23.20 -5.86
C PRO E 131 11.27 24.63 -6.04
N LEU E 132 10.52 25.44 -6.78
CA LEU E 132 10.95 26.80 -7.09
C LEU E 132 9.93 27.83 -6.62
N PHE E 133 9.44 27.66 -5.39
CA PHE E 133 8.42 28.55 -4.87
C PHE E 133 8.97 29.95 -4.64
N ALA F 1 -20.68 1.24 -30.92
CA ALA F 1 -19.35 1.79 -30.68
C ALA F 1 -19.42 3.20 -30.10
N MSE F 2 -19.44 3.33 -28.78
CA MSE F 2 -19.37 4.68 -28.23
C MSE F 2 -18.58 4.84 -26.94
O MSE F 2 -18.42 3.91 -26.17
CB MSE F 2 -20.75 5.32 -28.12
CG MSE F 2 -21.58 4.92 -26.91
SE MSE F 2 -23.34 5.79 -27.07
CE MSE F 2 -23.97 4.93 -28.71
N ILE F 3 -18.09 6.06 -26.73
CA ILE F 3 -17.33 6.39 -25.56
C ILE F 3 -18.28 6.63 -24.41
N VAL F 4 -18.01 6.00 -23.25
CA VAL F 4 -18.83 6.24 -22.08
C VAL F 4 -18.01 7.07 -21.09
N ASP F 5 -18.49 8.27 -20.79
CA ASP F 5 -17.71 9.19 -19.96
C ASP F 5 -17.66 8.73 -18.52
N THR F 6 -16.63 9.17 -17.81
CA THR F 6 -16.53 9.00 -16.37
C THR F 6 -17.86 9.25 -15.63
N SER F 7 -18.55 10.35 -15.99
CA SER F 7 -19.78 10.71 -15.31
C SER F 7 -20.83 9.58 -15.30
N VAL F 8 -20.91 8.83 -16.39
CA VAL F 8 -21.84 7.70 -16.46
C VAL F 8 -21.35 6.52 -15.61
N TRP F 9 -20.05 6.23 -15.68
CA TRP F 9 -19.47 5.18 -14.85
C TRP F 9 -19.67 5.47 -13.36
N ILE F 10 -19.53 6.74 -12.99
CA ILE F 10 -19.78 7.15 -11.61
C ILE F 10 -21.26 6.92 -11.22
N ALA F 11 -22.19 7.24 -12.12
CA ALA F 11 -23.60 6.98 -11.87
C ALA F 11 -23.84 5.49 -11.62
N TYR F 12 -23.18 4.67 -12.44
CA TYR F 12 -23.36 3.22 -12.38
C TYR F 12 -22.80 2.69 -11.06
N LEU F 13 -21.65 3.21 -10.63
CA LEU F 13 -20.98 2.72 -9.43
C LEU F 13 -21.62 3.25 -8.15
N SER F 14 -22.30 4.38 -8.24
N SER F 14 -22.31 4.38 -8.26
CA SER F 14 -22.90 4.99 -7.06
CA SER F 14 -22.90 4.99 -7.08
C SER F 14 -24.12 4.18 -6.63
C SER F 14 -24.15 4.24 -6.64
N THR F 15 -24.39 4.22 -5.33
CA THR F 15 -25.53 3.51 -4.77
C THR F 15 -26.88 4.11 -5.21
N SER F 16 -26.84 5.30 -5.80
CA SER F 16 -28.07 5.96 -6.24
C SER F 16 -28.60 5.38 -7.53
N GLU F 17 -29.91 5.36 -7.67
CA GLU F 17 -30.55 4.90 -8.88
C GLU F 17 -30.66 6.10 -9.82
N SER F 18 -30.42 5.87 -11.11
CA SER F 18 -30.55 6.94 -12.09
C SER F 18 -30.66 6.38 -13.50
N LEU F 19 -31.07 7.23 -14.41
CA LEU F 19 -31.17 6.85 -15.81
C LEU F 19 -29.79 6.45 -16.35
N ALA F 20 -28.76 7.24 -16.04
CA ALA F 20 -27.41 6.92 -16.51
C ALA F 20 -26.95 5.55 -16.04
N SER F 21 -27.20 5.25 -14.78
CA SER F 21 -26.81 3.96 -14.23
C SER F 21 -27.55 2.83 -14.93
N ARG F 22 -28.86 3.00 -15.09
CA ARG F 22 -29.67 1.98 -15.76
C ARG F 22 -29.28 1.81 -17.22
N TRP F 23 -28.97 2.92 -17.89
CA TRP F 23 -28.52 2.88 -19.28
C TRP F 23 -27.25 2.02 -19.44
N LEU F 24 -26.28 2.22 -18.55
CA LEU F 24 -25.02 1.49 -18.66
C LEU F 24 -25.19 0.02 -18.30
N ALA F 25 -26.00 -0.28 -17.29
CA ALA F 25 -26.31 -1.66 -16.94
C ALA F 25 -26.89 -2.42 -18.13
N ASP F 26 -27.81 -1.77 -18.85
CA ASP F 26 -28.43 -2.36 -20.04
C ASP F 26 -27.41 -2.59 -21.13
N ARG F 27 -26.50 -1.64 -21.30
CA ARG F 27 -25.48 -1.74 -22.31
C ARG F 27 -24.50 -2.87 -21.97
N ILE F 28 -24.14 -2.99 -20.69
CA ILE F 28 -23.26 -4.05 -20.25
C ILE F 28 -23.95 -5.40 -20.46
N ALA F 29 -25.23 -5.47 -20.11
CA ALA F 29 -26.00 -6.70 -20.25
C ALA F 29 -26.16 -7.10 -21.70
N ALA F 30 -26.15 -6.13 -22.61
CA ALA F 30 -26.32 -6.44 -24.03
C ALA F 30 -24.99 -6.74 -24.73
N ASP F 31 -23.87 -6.63 -24.01
CA ASP F 31 -22.54 -6.81 -24.59
C ASP F 31 -22.29 -5.81 -25.70
N SER F 32 -22.86 -4.62 -25.57
CA SER F 32 -22.61 -3.59 -26.56
C SER F 32 -21.17 -3.12 -26.40
N THR F 33 -20.62 -2.55 -27.46
CA THR F 33 -19.26 -2.06 -27.42
C THR F 33 -19.21 -0.80 -26.57
N VAL F 34 -18.32 -0.78 -25.59
CA VAL F 34 -18.08 0.41 -24.79
C VAL F 34 -16.63 0.82 -24.99
N ILE F 35 -16.41 2.08 -25.31
CA ILE F 35 -15.05 2.57 -25.48
C ILE F 35 -14.63 3.30 -24.22
N VAL F 36 -13.50 2.89 -23.66
CA VAL F 36 -13.01 3.46 -22.42
C VAL F 36 -11.70 4.19 -22.69
N PRO F 37 -11.76 5.53 -22.82
CA PRO F 37 -10.52 6.31 -22.94
C PRO F 37 -9.64 6.06 -21.72
N GLU F 38 -8.32 6.04 -21.90
CA GLU F 38 -7.45 5.78 -20.76
C GLU F 38 -7.60 6.85 -19.68
N VAL F 39 -7.95 8.08 -20.08
CA VAL F 39 -8.14 9.16 -19.10
C VAL F 39 -9.41 8.94 -18.26
N VAL F 40 -10.42 8.30 -18.86
CA VAL F 40 -11.60 7.92 -18.10
C VAL F 40 -11.27 6.81 -17.09
N MSE F 41 -10.54 5.81 -17.56
CA MSE F 41 -10.02 4.75 -16.68
C MSE F 41 -9.29 5.35 -15.49
O MSE F 41 -9.50 4.95 -14.34
CB MSE F 41 -9.07 3.83 -17.46
CG MSE F 41 -8.45 2.75 -16.61
SE MSE F 41 -6.83 2.01 -17.43
CE MSE F 41 -5.71 3.61 -17.18
N MSE F 42 -8.43 6.33 -15.76
CA MSE F 42 -7.66 6.99 -14.72
C MSE F 42 -8.55 7.67 -13.67
O MSE F 42 -8.33 7.49 -12.46
CB MSE F 42 -6.68 8.00 -15.33
CG MSE F 42 -5.82 8.70 -14.32
SE MSE F 42 -4.62 9.98 -15.20
CE MSE F 42 -6.01 11.17 -15.94
N GLU F 43 -9.54 8.45 -14.13
CA GLU F 43 -10.47 9.12 -13.20
C GLU F 43 -11.22 8.09 -12.33
N LEU F 44 -11.65 7.01 -12.93
CA LEU F 44 -12.44 6.01 -12.23
C LEU F 44 -11.60 5.26 -11.20
N LEU F 45 -10.33 5.03 -11.51
CA LEU F 45 -9.48 4.23 -10.64
C LEU F 45 -9.03 4.96 -9.38
N ILE F 46 -9.31 6.25 -9.28
CA ILE F 46 -8.96 6.96 -8.05
C ILE F 46 -10.14 7.10 -7.10
N GLY F 47 -11.30 6.58 -7.50
CA GLY F 47 -12.53 6.72 -6.73
C GLY F 47 -12.60 5.93 -5.43
N LYS F 48 -11.75 4.92 -5.26
CA LYS F 48 -11.62 4.18 -4.00
C LYS F 48 -10.14 3.92 -3.79
N THR F 49 -9.66 3.98 -2.55
CA THR F 49 -8.22 3.85 -2.32
C THR F 49 -7.78 2.41 -2.15
N ASP F 50 -8.72 1.55 -1.78
CA ASP F 50 -8.38 0.15 -1.58
C ASP F 50 -7.86 -0.49 -2.87
N GLU F 51 -6.63 -1.02 -2.84
CA GLU F 51 -6.02 -1.59 -4.04
C GLU F 51 -6.76 -2.80 -4.61
N ASP F 52 -7.46 -3.56 -3.77
CA ASP F 52 -8.25 -4.66 -4.32
C ASP F 52 -9.51 -4.17 -5.05
N THR F 53 -10.13 -3.12 -4.53
CA THR F 53 -11.23 -2.48 -5.23
C THR F 53 -10.71 -1.91 -6.57
N ALA F 54 -9.56 -1.25 -6.53
CA ALA F 54 -8.98 -0.69 -7.74
C ALA F 54 -8.68 -1.77 -8.78
N ALA F 55 -8.09 -2.86 -8.33
CA ALA F 55 -7.76 -3.96 -9.22
C ALA F 55 -9.03 -4.58 -9.82
N LEU F 56 -10.09 -4.67 -9.01
CA LEU F 56 -11.36 -5.19 -9.50
C LEU F 56 -11.93 -4.28 -10.57
N ARG F 57 -11.81 -2.97 -10.36
CA ARG F 57 -12.32 -2.03 -11.35
C ARG F 57 -11.45 -1.93 -12.59
N ARG F 58 -10.16 -2.23 -12.45
CA ARG F 58 -9.26 -2.29 -13.61
C ARG F 58 -9.69 -3.45 -14.49
N ARG F 59 -10.15 -4.54 -13.86
CA ARG F 59 -10.64 -5.71 -14.59
C ARG F 59 -12.02 -5.44 -15.21
N LEU F 60 -12.84 -4.65 -14.53
CA LEU F 60 -14.11 -4.22 -15.08
C LEU F 60 -13.89 -3.50 -16.40
N LEU F 61 -12.99 -2.52 -16.40
CA LEU F 61 -12.76 -1.72 -17.60
C LEU F 61 -12.05 -2.53 -18.67
N GLN F 62 -11.23 -3.49 -18.24
CA GLN F 62 -10.50 -4.35 -19.17
C GLN F 62 -11.46 -5.18 -20.03
N ARG F 63 -12.65 -5.45 -19.50
CA ARG F 63 -13.70 -6.14 -20.26
C ARG F 63 -13.99 -5.44 -21.59
N PHE F 64 -13.89 -4.12 -21.58
CA PHE F 64 -14.22 -3.32 -22.76
C PHE F 64 -12.95 -2.90 -23.50
N ALA F 65 -13.13 -2.01 -24.46
CA ALA F 65 -11.98 -1.51 -25.21
C ALA F 65 -11.32 -0.34 -24.48
N ILE F 66 -10.24 -0.60 -23.72
CA ILE F 66 -9.36 0.48 -23.27
C ILE F 66 -8.66 1.15 -24.46
N GLU F 67 -9.02 2.39 -24.71
CA GLU F 67 -8.55 3.11 -25.88
C GLU F 67 -7.47 4.14 -25.50
N PRO F 68 -6.29 4.02 -26.10
CA PRO F 68 -5.19 4.94 -25.79
C PRO F 68 -5.32 6.25 -26.56
N LEU F 69 -4.88 7.36 -25.95
CA LEU F 69 -4.84 8.64 -26.63
C LEU F 69 -3.83 8.59 -27.78
N ALA F 70 -4.10 9.29 -28.84
CA ALA F 70 -3.16 9.43 -29.91
C ALA F 70 -2.08 10.39 -29.45
N PRO F 71 -0.79 9.86 -29.54
CA PRO F 71 0.24 10.73 -28.94
C PRO F 71 0.35 12.12 -29.54
N VAL F 72 0.45 13.12 -28.68
CA VAL F 72 0.61 14.51 -29.07
C VAL F 72 -0.64 15.13 -29.67
N ARG F 73 -1.20 14.47 -30.67
CA ARG F 73 -2.34 14.97 -31.37
C ARG F 73 -3.62 15.16 -30.55
N ASP F 74 -3.97 14.22 -29.71
CA ASP F 74 -5.17 14.37 -28.88
C ASP F 74 -4.98 15.50 -27.89
N ALA F 75 -3.80 15.61 -27.31
CA ALA F 75 -3.53 16.67 -26.34
C ALA F 75 -3.66 18.03 -27.00
N GLU F 76 -3.11 18.17 -28.20
CA GLU F 76 -3.24 19.39 -28.97
C GLU F 76 -4.70 19.69 -29.33
N ASP F 77 -5.43 18.66 -29.71
CA ASP F 77 -6.84 18.84 -30.05
C ASP F 77 -7.67 19.23 -28.82
N ALA F 78 -7.36 18.62 -27.69
CA ALA F 78 -8.08 18.90 -26.44
C ALA F 78 -7.89 20.37 -26.09
N ALA F 79 -6.64 20.84 -26.23
CA ALA F 79 -6.34 22.25 -25.98
C ALA F 79 -7.14 23.15 -26.92
N ALA F 80 -7.21 22.79 -28.20
CA ALA F 80 -7.96 23.58 -29.17
C ALA F 80 -9.43 23.63 -28.80
N ILE F 81 -9.95 22.49 -28.34
CA ILE F 81 -11.34 22.40 -27.93
C ILE F 81 -11.58 23.33 -26.74
N HIS F 82 -10.68 23.27 -25.75
CA HIS F 82 -10.82 24.12 -24.57
C HIS F 82 -10.85 25.61 -24.95
N ARG F 83 -9.92 26.01 -25.80
CA ARG F 83 -9.83 27.42 -26.21
C ARG F 83 -11.10 27.86 -26.95
N ARG F 84 -11.63 26.99 -27.80
CA ARG F 84 -12.81 27.34 -28.58
C ARG F 84 -14.04 27.54 -27.70
N CYS F 85 -14.27 26.63 -26.76
CA CYS F 85 -15.39 26.76 -25.84
C CYS F 85 -15.25 28.02 -25.00
N ARG F 86 -14.03 28.28 -24.54
CA ARG F 86 -13.77 29.41 -23.67
C ARG F 86 -13.98 30.72 -24.45
N ARG F 87 -13.55 30.74 -25.71
CA ARG F 87 -13.80 31.91 -26.58
C ARG F 87 -15.30 32.11 -26.75
N GLY F 88 -16.04 31.00 -26.78
CA GLY F 88 -17.47 31.06 -26.99
C GLY F 88 -18.27 31.28 -25.72
N GLY F 89 -17.60 31.60 -24.62
CA GLY F 89 -18.29 31.91 -23.38
C GLY F 89 -18.60 30.71 -22.48
N ASP F 90 -18.19 29.52 -22.86
CA ASP F 90 -18.41 28.33 -22.03
C ASP F 90 -17.08 27.70 -21.65
N THR F 91 -16.56 28.03 -20.48
CA THR F 91 -15.32 27.43 -20.05
C THR F 91 -15.56 25.99 -19.59
N VAL F 92 -14.92 25.04 -20.26
CA VAL F 92 -14.99 23.65 -19.86
C VAL F 92 -14.08 23.42 -18.67
N ARG F 93 -14.65 22.81 -17.63
CA ARG F 93 -14.09 22.76 -16.29
C ARG F 93 -13.05 21.66 -16.11
N SER F 94 -12.78 20.91 -17.17
CA SER F 94 -11.86 19.76 -17.06
C SER F 94 -11.14 19.50 -18.37
N LEU F 95 -9.82 19.45 -18.31
CA LEU F 95 -9.04 19.18 -19.52
C LEU F 95 -9.27 17.73 -19.96
N ILE F 96 -9.60 16.87 -19.01
CA ILE F 96 -9.90 15.49 -19.34
C ILE F 96 -11.15 15.39 -20.23
N ASP F 97 -12.17 16.20 -19.96
CA ASP F 97 -13.34 16.25 -20.82
C ASP F 97 -12.92 16.56 -22.25
N CYS F 98 -12.01 17.52 -22.39
CA CYS F 98 -11.54 17.94 -23.70
C CYS F 98 -10.75 16.84 -24.40
N GLN F 99 -9.98 16.07 -23.64
CA GLN F 99 -9.26 14.93 -24.18
C GLN F 99 -10.23 13.85 -24.68
N VAL F 100 -11.27 13.59 -23.88
CA VAL F 100 -12.31 12.63 -24.27
C VAL F 100 -12.94 13.07 -25.59
N ALA F 101 -13.29 14.35 -25.67
CA ALA F 101 -13.91 14.90 -26.88
C ALA F 101 -12.98 14.82 -28.07
N ALA F 102 -11.70 15.09 -27.85
CA ALA F 102 -10.72 15.04 -28.93
C ALA F 102 -10.64 13.62 -29.49
N MSE F 103 -10.64 12.63 -28.61
CA MSE F 103 -10.59 11.25 -29.05
C MSE F 103 -11.86 10.90 -29.81
O MSE F 103 -11.79 10.32 -30.90
CB MSE F 103 -10.44 10.31 -27.86
CG MSE F 103 -10.56 8.86 -28.27
SE MSE F 103 -10.48 7.65 -26.73
CE MSE F 103 -8.57 7.81 -26.30
N ALA F 104 -13.02 11.24 -29.24
CA ALA F 104 -14.31 10.99 -29.87
C ALA F 104 -14.36 11.55 -31.28
N LEU F 105 -13.89 12.79 -31.42
CA LEU F 105 -13.89 13.43 -32.71
C LEU F 105 -12.94 12.72 -33.67
N ARG F 106 -11.80 12.26 -33.15
CA ARG F 106 -10.80 11.62 -33.99
C ARG F 106 -11.26 10.26 -34.50
N ILE F 107 -11.90 9.46 -33.64
CA ILE F 107 -12.33 8.14 -34.05
C ILE F 107 -13.77 8.13 -34.54
N GLY F 108 -14.44 9.28 -34.45
CA GLY F 108 -15.77 9.45 -35.00
C GLY F 108 -16.86 8.73 -34.23
N VAL F 109 -16.88 8.88 -32.91
CA VAL F 109 -17.93 8.27 -32.10
C VAL F 109 -18.55 9.29 -31.16
N ALA F 110 -19.70 8.95 -30.60
CA ALA F 110 -20.37 9.84 -29.68
C ALA F 110 -19.90 9.58 -28.26
N VAL F 111 -20.03 10.59 -27.41
CA VAL F 111 -19.73 10.47 -26.00
C VAL F 111 -21.03 10.40 -25.20
N ALA F 112 -21.27 9.27 -24.54
CA ALA F 112 -22.39 9.14 -23.63
C ALA F 112 -21.95 9.73 -22.28
N HIS F 113 -22.75 10.62 -21.71
CA HIS F 113 -22.30 11.35 -20.54
C HIS F 113 -23.45 11.83 -19.70
N ARG F 114 -23.11 12.33 -18.51
CA ARG F 114 -24.03 13.12 -17.71
C ARG F 114 -23.26 14.31 -17.16
N ASP F 115 -22.83 15.17 -18.08
CA ASP F 115 -21.97 16.30 -17.75
C ASP F 115 -22.22 17.34 -18.83
N ARG F 116 -22.75 18.50 -18.43
CA ARG F 116 -23.12 19.54 -19.37
C ARG F 116 -21.92 20.11 -20.13
N ASP F 117 -20.71 19.91 -19.62
CA ASP F 117 -19.48 20.26 -20.32
C ASP F 117 -19.48 19.73 -21.77
N TYR F 118 -19.99 18.51 -21.95
CA TYR F 118 -19.98 17.92 -23.28
C TYR F 118 -20.99 18.56 -24.21
N GLU F 119 -22.08 19.08 -23.65
CA GLU F 119 -23.03 19.81 -24.47
C GLU F 119 -22.41 21.15 -24.91
N ALA F 120 -21.60 21.76 -24.04
CA ALA F 120 -20.84 22.95 -24.42
C ALA F 120 -19.86 22.63 -25.55
N ILE F 121 -19.14 21.53 -25.40
CA ILE F 121 -18.22 21.09 -26.44
C ILE F 121 -18.96 20.77 -27.73
N ARG F 122 -20.12 20.14 -27.64
CA ARG F 122 -20.93 19.90 -28.82
C ARG F 122 -21.30 21.20 -29.55
N THR F 123 -21.85 22.17 -28.82
CA THR F 123 -22.32 23.40 -29.45
C THR F 123 -21.19 24.21 -30.10
N HIS F 124 -19.97 24.06 -29.59
CA HIS F 124 -18.85 24.83 -30.14
C HIS F 124 -17.98 24.07 -31.12
N CYS F 125 -17.95 22.74 -31.00
CA CYS F 125 -16.96 21.94 -31.72
C CYS F 125 -17.56 20.79 -32.53
N GLY F 126 -18.87 20.60 -32.43
CA GLY F 126 -19.55 19.56 -33.21
C GLY F 126 -19.41 18.13 -32.70
N LEU F 127 -18.96 17.96 -31.45
CA LEU F 127 -18.92 16.65 -30.81
C LEU F 127 -20.28 15.96 -30.86
N ARG F 128 -20.30 14.67 -31.18
CA ARG F 128 -21.54 13.91 -31.07
C ARG F 128 -21.68 13.45 -29.62
N THR F 129 -22.88 13.60 -29.06
CA THR F 129 -23.09 13.25 -27.66
C THR F 129 -24.36 12.42 -27.50
N GLU F 130 -24.42 11.72 -26.37
CA GLU F 130 -25.62 11.02 -25.95
C GLU F 130 -25.84 11.37 -24.46
N PRO F 131 -26.53 12.48 -24.20
CA PRO F 131 -26.76 12.95 -22.83
C PRO F 131 -27.71 12.01 -22.06
N LEU F 132 -27.40 11.76 -20.79
CA LEU F 132 -28.16 10.81 -19.98
C LEU F 132 -28.58 11.41 -18.62
N PHE F 133 -29.25 12.55 -18.66
CA PHE F 133 -29.63 13.25 -17.44
C PHE F 133 -30.93 12.72 -16.84
N LEU G 41 23.79 -27.63 -24.74
CA LEU G 41 23.32 -28.65 -25.68
C LEU G 41 21.82 -28.91 -25.52
N VAL G 42 21.08 -28.70 -26.61
CA VAL G 42 19.68 -29.12 -26.66
C VAL G 42 19.48 -29.96 -27.92
N GLY G 43 19.08 -31.22 -27.74
CA GLY G 43 18.89 -32.13 -28.85
C GLY G 43 17.71 -31.74 -29.73
N GLU G 44 17.43 -32.56 -30.73
CA GLU G 44 16.31 -32.32 -31.62
C GLU G 44 15.00 -32.50 -30.86
N PRO G 45 14.05 -31.57 -31.06
CA PRO G 45 12.72 -31.68 -30.45
C PRO G 45 12.08 -33.02 -30.77
N LEU G 46 11.44 -33.63 -29.79
CA LEU G 46 10.82 -34.94 -30.00
C LEU G 46 9.70 -34.87 -31.04
N GLY G 47 9.57 -35.92 -31.84
CA GLY G 47 8.42 -36.09 -32.70
C GLY G 47 7.19 -36.45 -31.85
N ARG G 48 6.03 -36.53 -32.50
CA ARG G 48 4.77 -36.77 -31.79
C ARG G 48 4.76 -38.13 -31.08
N ASP G 49 5.08 -39.19 -31.81
CA ASP G 49 5.12 -40.53 -31.23
C ASP G 49 6.17 -40.63 -30.12
N GLU G 50 7.32 -39.98 -30.35
CA GLU G 50 8.38 -39.97 -29.34
C GLU G 50 7.88 -39.32 -28.06
N ALA G 51 7.18 -38.19 -28.19
CA ALA G 51 6.62 -37.49 -27.05
C ALA G 51 5.61 -38.35 -26.29
N LEU G 52 4.70 -38.98 -27.03
CA LEU G 52 3.69 -39.85 -26.43
C LEU G 52 4.32 -41.03 -25.69
N ALA G 53 5.46 -41.51 -26.20
CA ALA G 53 6.14 -42.64 -25.58
C ALA G 53 6.66 -42.31 -24.16
N LEU G 54 6.77 -41.03 -23.83
CA LEU G 54 7.25 -40.65 -22.51
C LEU G 54 6.15 -40.63 -21.43
N GLN G 55 4.90 -40.82 -21.84
CA GLN G 55 3.82 -40.90 -20.86
C GLN G 55 4.10 -42.05 -19.88
N GLY G 56 4.15 -41.74 -18.59
CA GLY G 56 4.35 -42.76 -17.57
C GLY G 56 5.81 -43.17 -17.35
N SER G 57 6.75 -42.45 -17.96
CA SER G 57 8.17 -42.81 -17.89
C SER G 57 8.83 -42.47 -16.54
N GLY G 58 8.13 -41.76 -15.66
CA GLY G 58 8.58 -41.62 -14.29
C GLY G 58 8.93 -40.20 -13.87
N PHE G 59 8.69 -39.89 -12.59
CA PHE G 59 9.05 -38.59 -12.01
C PHE G 59 9.25 -38.79 -10.49
N ASP G 60 10.40 -38.35 -9.96
CA ASP G 60 10.74 -38.65 -8.56
C ASP G 60 9.88 -37.91 -7.51
N PHE G 61 9.18 -36.88 -7.93
CA PHE G 61 8.44 -36.05 -6.98
C PHE G 61 6.99 -35.92 -7.36
N SER G 62 6.12 -35.84 -6.35
CA SER G 62 4.75 -35.41 -6.57
C SER G 62 4.81 -33.90 -6.75
N ASN G 63 3.71 -33.31 -7.23
CA ASN G 63 3.71 -31.87 -7.39
C ASN G 63 3.82 -31.17 -6.04
N ASP G 64 3.15 -31.74 -5.02
CA ASP G 64 3.26 -31.24 -3.67
C ASP G 64 4.71 -31.22 -3.19
N GLU G 65 5.44 -32.29 -3.48
CA GLU G 65 6.83 -32.40 -3.08
C GLU G 65 7.72 -31.39 -3.78
N ILE G 66 7.44 -31.15 -5.05
CA ILE G 66 8.24 -30.24 -5.85
C ILE G 66 8.02 -28.78 -5.41
N GLU G 67 6.88 -28.51 -4.80
CA GLU G 67 6.58 -27.19 -4.28
C GLU G 67 7.00 -27.02 -2.82
N SER G 68 7.37 -28.12 -2.18
CA SER G 68 7.88 -28.07 -0.80
C SER G 68 8.79 -29.26 -0.52
N PHE G 69 10.08 -29.08 -0.76
CA PHE G 69 11.07 -30.14 -0.54
C PHE G 69 11.37 -30.38 0.94
N LEU H 41 3.92 0.69 -11.56
CA LEU H 41 4.54 1.84 -10.89
C LEU H 41 5.67 1.42 -9.95
N VAL H 42 6.84 2.04 -10.11
CA VAL H 42 7.93 1.86 -9.17
C VAL H 42 8.38 3.25 -8.73
N GLY H 43 8.33 3.50 -7.42
CA GLY H 43 8.72 4.80 -6.90
C GLY H 43 10.22 5.01 -6.93
N GLU H 44 10.67 6.14 -6.40
CA GLU H 44 12.09 6.49 -6.43
C GLU H 44 12.88 5.61 -5.47
N PRO H 45 14.05 5.12 -5.92
CA PRO H 45 14.93 4.30 -5.07
C PRO H 45 15.15 4.97 -3.72
N LEU H 46 15.14 4.18 -2.66
CA LEU H 46 15.32 4.74 -1.33
C LEU H 46 16.73 5.28 -1.16
N GLY H 47 16.86 6.32 -0.34
CA GLY H 47 18.17 6.83 0.06
C GLY H 47 18.75 5.90 1.12
N ARG H 48 19.99 6.15 1.51
CA ARG H 48 20.68 5.29 2.45
C ARG H 48 19.94 5.21 3.78
N ASP H 49 19.63 6.36 4.36
CA ASP H 49 18.96 6.39 5.64
C ASP H 49 17.53 5.86 5.56
N GLU H 50 16.84 6.16 4.45
CA GLU H 50 15.52 5.59 4.21
C GLU H 50 15.61 4.06 4.22
N ALA H 51 16.61 3.51 3.55
CA ALA H 51 16.81 2.07 3.49
C ALA H 51 17.05 1.48 4.88
N LEU H 52 17.93 2.12 5.63
CA LEU H 52 18.25 1.68 6.99
C LEU H 52 17.04 1.67 7.92
N ALA H 53 16.12 2.61 7.73
CA ALA H 53 14.94 2.70 8.61
C ALA H 53 14.00 1.49 8.50
N LEU H 54 14.12 0.72 7.43
CA LEU H 54 13.23 -0.42 7.23
C LEU H 54 13.71 -1.70 7.92
N GLN H 55 14.93 -1.68 8.46
CA GLN H 55 15.38 -2.79 9.30
C GLN H 55 14.38 -3.05 10.42
N GLY H 56 13.94 -4.30 10.56
CA GLY H 56 13.00 -4.65 11.61
C GLY H 56 11.55 -4.24 11.34
N SER H 57 11.25 -3.80 10.12
CA SER H 57 9.89 -3.40 9.79
C SER H 57 8.92 -4.59 9.62
N GLY H 58 9.45 -5.81 9.68
CA GLY H 58 8.60 -7.00 9.75
C GLY H 58 8.58 -7.89 8.52
N PHE H 59 8.53 -9.20 8.74
CA PHE H 59 8.37 -10.16 7.65
C PHE H 59 7.54 -11.33 8.16
N ASP H 60 6.49 -11.71 7.43
CA ASP H 60 5.53 -12.69 7.95
C ASP H 60 6.06 -14.13 7.97
N PHE H 61 7.06 -14.42 7.13
CA PHE H 61 7.55 -15.79 6.98
C PHE H 61 9.04 -15.90 7.32
N SER H 62 9.42 -16.99 7.98
CA SER H 62 10.83 -17.34 8.04
C SER H 62 11.26 -17.76 6.62
N ASN H 63 12.56 -17.87 6.40
CA ASN H 63 13.03 -18.30 5.08
C ASN H 63 12.58 -19.72 4.73
N ASP H 64 12.60 -20.60 5.74
CA ASP H 64 12.18 -21.99 5.53
C ASP H 64 10.73 -22.05 5.09
N GLU H 65 9.90 -21.16 5.63
CA GLU H 65 8.50 -21.08 5.27
C GLU H 65 8.34 -20.53 3.86
N ILE H 66 9.13 -19.51 3.54
CA ILE H 66 9.17 -18.93 2.19
C ILE H 66 9.46 -20.02 1.14
N GLU H 67 10.30 -20.98 1.50
CA GLU H 67 10.67 -22.02 0.55
C GLU H 67 9.69 -23.19 0.54
N SER H 68 8.77 -23.20 1.50
CA SER H 68 7.72 -24.23 1.55
C SER H 68 6.55 -23.83 2.46
N PHE H 69 5.49 -23.30 1.86
CA PHE H 69 4.29 -22.93 2.62
C PHE H 69 3.47 -24.15 3.04
N LEU I 41 -23.64 5.35 36.01
CA LEU I 41 -24.87 5.27 35.23
C LEU I 41 -24.56 5.23 33.73
N VAL I 42 -25.08 4.22 33.06
CA VAL I 42 -25.08 4.24 31.59
C VAL I 42 -26.50 4.00 31.10
N GLY I 43 -27.01 4.95 30.31
CA GLY I 43 -28.36 4.85 29.79
C GLY I 43 -28.48 3.76 28.74
N GLU I 44 -29.68 3.61 28.20
CA GLU I 44 -29.92 2.62 27.18
C GLU I 44 -29.11 2.94 25.93
N PRO I 45 -28.42 1.94 25.36
CA PRO I 45 -27.69 2.15 24.10
C PRO I 45 -28.63 2.72 23.03
N LEU I 46 -28.13 3.63 22.22
CA LEU I 46 -28.94 4.30 21.23
C LEU I 46 -29.42 3.31 20.17
N GLY I 47 -30.62 3.54 19.66
CA GLY I 47 -31.10 2.82 18.49
C GLY I 47 -30.35 3.35 17.28
N ARG I 48 -30.52 2.67 16.14
CA ARG I 48 -29.85 3.07 14.91
C ARG I 48 -30.17 4.51 14.49
N ASP I 49 -31.45 4.86 14.50
CA ASP I 49 -31.84 6.21 14.11
C ASP I 49 -31.36 7.27 15.11
N GLU I 50 -31.43 6.96 16.40
CA GLU I 50 -30.88 7.85 17.41
C GLU I 50 -29.38 8.08 17.21
N ALA I 51 -28.65 7.03 16.84
CA ALA I 51 -27.21 7.18 16.61
C ALA I 51 -26.95 8.06 15.40
N LEU I 52 -27.75 7.86 14.34
CA LEU I 52 -27.59 8.64 13.12
C LEU I 52 -27.89 10.12 13.34
N ALA I 53 -28.86 10.39 14.21
CA ALA I 53 -29.24 11.78 14.52
C ALA I 53 -28.12 12.56 15.22
N LEU I 54 -27.10 11.88 15.71
CA LEU I 54 -25.99 12.56 16.38
C LEU I 54 -24.91 13.06 15.42
N GLN I 55 -25.01 12.70 14.13
CA GLN I 55 -24.07 13.19 13.13
C GLN I 55 -24.13 14.71 13.10
N GLY I 56 -22.98 15.37 13.09
CA GLY I 56 -22.96 16.82 13.06
C GLY I 56 -23.36 17.51 14.36
N SER I 57 -23.48 16.75 15.46
CA SER I 57 -23.95 17.35 16.72
C SER I 57 -22.87 18.16 17.47
N GLY I 58 -21.63 18.13 16.98
CA GLY I 58 -20.60 19.02 17.49
C GLY I 58 -19.52 18.38 18.36
N PHE I 59 -18.33 18.97 18.30
CA PHE I 59 -17.18 18.51 19.09
C PHE I 59 -16.24 19.71 19.26
N ASP I 60 -15.70 19.90 20.47
CA ASP I 60 -14.98 21.14 20.80
C ASP I 60 -13.55 21.18 20.30
N PHE I 61 -12.98 20.02 20.03
CA PHE I 61 -11.56 19.92 19.67
C PHE I 61 -11.39 19.28 18.30
N SER I 62 -10.39 19.72 17.55
CA SER I 62 -9.98 18.95 16.39
C SER I 62 -9.28 17.68 16.92
N ASN I 63 -9.04 16.72 16.04
CA ASN I 63 -8.29 15.55 16.47
C ASN I 63 -6.87 15.90 16.93
N ASP I 64 -6.23 16.83 16.24
CA ASP I 64 -4.87 17.24 16.62
C ASP I 64 -4.90 17.82 18.03
N GLU I 65 -5.93 18.61 18.34
CA GLU I 65 -6.04 19.19 19.66
C GLU I 65 -6.30 18.11 20.71
N ILE I 66 -7.20 17.18 20.41
CA ILE I 66 -7.40 16.02 21.29
C ILE I 66 -6.07 15.33 21.61
N GLU I 67 -5.22 15.19 20.58
CA GLU I 67 -3.97 14.46 20.76
C GLU I 67 -2.92 15.19 21.60
N SER I 68 -3.11 16.49 21.82
CA SER I 68 -2.26 17.17 22.79
C SER I 68 -2.45 16.58 24.20
N PHE I 69 -3.62 15.96 24.45
CA PHE I 69 -3.91 15.39 25.76
C PHE I 69 -3.25 14.04 26.00
N SER I 70 -2.57 13.50 24.99
CA SER I 70 -1.81 12.28 25.15
C SER I 70 -0.45 12.41 24.47
N ASP I 71 0.05 13.64 24.41
CA ASP I 71 1.30 13.99 23.74
C ASP I 71 2.48 13.47 24.55
N THR I 72 3.55 13.09 23.88
CA THR I 72 4.69 12.47 24.57
C THR I 72 5.86 13.42 24.84
N ASP I 73 5.89 14.54 24.12
CA ASP I 73 7.02 15.46 24.23
C ASP I 73 6.98 16.31 25.51
N ARG I 74 5.78 16.76 25.87
CA ARG I 74 5.57 17.74 26.94
C ARG I 74 6.27 17.40 28.26
N LYS I 75 6.06 16.16 28.72
CA LYS I 75 6.60 15.71 29.99
C LYS I 75 8.11 15.46 29.93
N LEU I 76 8.65 15.41 28.71
CA LEU I 76 10.10 15.33 28.51
C LEU I 76 10.67 16.73 28.29
N LEU J 41 0.39 -5.62 -13.08
CA LEU J 41 -0.57 -6.71 -13.00
C LEU J 41 -1.97 -6.25 -13.42
N VAL J 42 -2.54 -6.91 -14.42
CA VAL J 42 -3.96 -6.74 -14.71
C VAL J 42 -4.59 -8.13 -14.70
N GLY J 43 -5.55 -8.35 -13.81
CA GLY J 43 -6.25 -9.62 -13.75
C GLY J 43 -7.11 -9.85 -14.99
N GLU J 44 -7.80 -10.97 -15.01
CA GLU J 44 -8.65 -11.33 -16.12
C GLU J 44 -9.86 -10.39 -16.19
N PRO J 45 -10.20 -9.93 -17.41
CA PRO J 45 -11.38 -9.07 -17.63
C PRO J 45 -12.62 -9.70 -17.04
N LEU J 46 -13.49 -8.89 -16.45
CA LEU J 46 -14.70 -9.41 -15.82
C LEU J 46 -15.64 -10.00 -16.86
N GLY J 47 -16.40 -11.01 -16.45
CA GLY J 47 -17.45 -11.55 -17.28
C GLY J 47 -18.64 -10.62 -17.18
N ARG J 48 -19.67 -10.87 -17.98
CA ARG J 48 -20.85 -10.00 -18.00
C ARG J 48 -21.49 -9.87 -16.62
N ASP J 49 -21.81 -11.00 -15.99
CA ASP J 49 -22.40 -11.01 -14.66
C ASP J 49 -21.53 -10.37 -13.59
N GLU J 50 -20.22 -10.67 -13.62
CA GLU J 50 -19.27 -10.04 -12.70
C GLU J 50 -19.29 -8.51 -12.82
N ALA J 51 -19.35 -8.01 -14.05
CA ALA J 51 -19.42 -6.56 -14.30
C ALA J 51 -20.71 -5.96 -13.78
N LEU J 52 -21.82 -6.67 -14.00
CA LEU J 52 -23.13 -6.19 -13.55
C LEU J 52 -23.22 -6.15 -12.03
N ALA J 53 -22.48 -7.04 -11.36
CA ALA J 53 -22.52 -7.11 -9.89
C ALA J 53 -21.84 -5.89 -9.24
N LEU J 54 -21.08 -5.14 -10.03
CA LEU J 54 -20.38 -3.96 -9.50
C LEU J 54 -21.24 -2.69 -9.51
N GLN J 55 -22.42 -2.76 -10.11
CA GLN J 55 -23.33 -1.63 -10.09
C GLN J 55 -23.67 -1.30 -8.64
N GLY J 56 -23.52 -0.02 -8.28
CA GLY J 56 -23.79 0.42 -6.92
C GLY J 56 -22.74 0.06 -5.88
N SER J 57 -21.54 -0.35 -6.31
CA SER J 57 -20.51 -0.78 -5.36
C SER J 57 -19.76 0.38 -4.68
N GLY J 58 -20.06 1.62 -5.08
CA GLY J 58 -19.56 2.78 -4.36
C GLY J 58 -18.46 3.58 -5.04
N PHE J 59 -18.47 4.89 -4.79
CA PHE J 59 -17.49 5.79 -5.41
C PHE J 59 -17.40 7.04 -4.53
N ASP J 60 -16.19 7.43 -4.15
CA ASP J 60 -15.99 8.45 -3.10
C ASP J 60 -16.35 9.86 -3.55
N PHE J 61 -16.23 10.13 -4.85
CA PHE J 61 -16.32 11.48 -5.37
C PHE J 61 -17.49 11.64 -6.34
N SER J 62 -18.16 12.78 -6.31
CA SER J 62 -19.10 13.10 -7.37
C SER J 62 -18.29 13.42 -8.63
N ASN J 63 -18.94 13.43 -9.78
CA ASN J 63 -18.21 13.83 -10.98
C ASN J 63 -17.62 15.24 -10.87
N ASP J 64 -18.38 16.17 -10.30
CA ASP J 64 -17.85 17.53 -10.10
C ASP J 64 -16.56 17.52 -9.27
N GLU J 65 -16.51 16.72 -8.20
CA GLU J 65 -15.30 16.63 -7.39
C GLU J 65 -14.14 15.94 -8.12
N ILE J 66 -14.45 14.90 -8.90
CA ILE J 66 -13.45 14.28 -9.75
C ILE J 66 -12.84 15.32 -10.69
N GLU J 67 -13.66 16.25 -11.15
CA GLU J 67 -13.19 17.23 -12.12
C GLU J 67 -12.35 18.34 -11.50
N SER J 68 -12.42 18.49 -10.17
CA SER J 68 -11.45 19.37 -9.51
C SER J 68 -10.02 18.86 -9.73
N PHE J 69 -9.86 17.58 -10.04
CA PHE J 69 -8.51 17.01 -10.25
C PHE J 69 -7.94 17.30 -11.63
N SER J 70 -8.75 17.87 -12.52
CA SER J 70 -8.23 18.29 -13.82
C SER J 70 -8.74 19.70 -14.16
N ASP J 71 -8.87 20.54 -13.16
CA ASP J 71 -9.41 21.88 -13.29
C ASP J 71 -8.38 22.87 -13.83
N THR J 72 -8.82 23.70 -14.74
CA THR J 72 -7.91 24.61 -15.38
C THR J 72 -7.70 25.96 -14.73
N ASP J 73 -8.38 26.22 -13.64
CA ASP J 73 -8.43 27.58 -13.13
C ASP J 73 -7.17 28.29 -12.68
N ARG J 74 -6.22 27.62 -12.06
CA ARG J 74 -4.93 28.26 -11.79
C ARG J 74 -4.14 28.62 -13.07
N LYS J 75 -4.46 28.01 -14.20
CA LYS J 75 -3.78 28.32 -15.44
C LYS J 75 -4.57 29.10 -16.49
N LEU J 76 -5.68 29.70 -16.10
CA LEU J 76 -6.58 30.37 -17.03
C LEU J 76 -7.53 29.40 -17.79
MN MN K . 1.05 -25.00 -6.37
MG MG L . 3.66 -25.36 -9.08
MN MN M . 16.91 -22.67 0.43
MG MG N . 15.72 -19.37 -1.04
MN MN O . -2.65 10.61 16.03
MG MG P . -5.66 9.66 18.32
MN MN Q . -16.93 18.04 -17.07
MG MG R . -15.06 14.76 -16.90
#